data_2UV0
#
_entry.id   2UV0
#
_cell.length_a   53.820
_cell.length_b   85.330
_cell.length_c   75.510
_cell.angle_alpha   90.00
_cell.angle_beta   95.82
_cell.angle_gamma   90.00
#
_symmetry.space_group_name_H-M   'P 1 21 1'
#
loop_
_entity.id
_entity.type
_entity.pdbx_description
1 polymer 'TRANSCRIPTIONAL ACTIVATOR PROTEIN LASR'
2 non-polymer 'N-3-OXO-DODECANOYL-L-HOMOSERINE LACTONE'
3 water water
#
_entity_poly.entity_id   1
_entity_poly.type   'polypeptide(L)'
_entity_poly.pdbx_seq_one_letter_code
;GA(MSE)ALVDGFLELERSSGKLEWSAILQK(MSE)ASDLGFSKILFGLLPKDSQDYENAFIVGNYPAAWREHYDRAGYA
RVDPTVSHCTQSVLPIFWEPSIYQTRKQHEFFEEASAAGLVYGLT(MSE)PLHGARGELGALSLSVEAENRAEANRF
(MSE)ESVLPTLW(MSE)LKDYALQSGAGLAFEHPVSK
;
_entity_poly.pdbx_strand_id   E,F,G,H
#
loop_
_chem_comp.id
_chem_comp.type
_chem_comp.name
_chem_comp.formula
OHN non-polymer 'N-3-OXO-DODECANOYL-L-HOMOSERINE LACTONE' 'C16 H27 N O4'
#
# COMPACT_ATOMS: atom_id res chain seq x y z
N GLY A 8 -8.47 13.74 -18.21
CA GLY A 8 -8.46 13.17 -16.87
C GLY A 8 -9.11 11.80 -16.82
N PHE A 9 -8.29 10.76 -16.73
CA PHE A 9 -7.86 10.25 -15.44
C PHE A 9 -8.46 11.04 -14.29
N LEU A 10 -7.91 12.23 -14.08
CA LEU A 10 -8.16 13.01 -12.87
C LEU A 10 -9.64 13.28 -12.65
N GLU A 11 -10.39 13.53 -13.73
CA GLU A 11 -11.85 13.61 -13.60
C GLU A 11 -12.32 12.35 -12.89
N LEU A 12 -11.88 11.20 -13.40
CA LEU A 12 -12.19 9.90 -12.82
C LEU A 12 -11.73 9.80 -11.37
N GLU A 13 -10.49 10.18 -11.12
CA GLU A 13 -9.93 10.10 -9.77
C GLU A 13 -10.59 11.07 -8.80
N ARG A 14 -10.88 12.29 -9.25
CA ARG A 14 -11.51 13.28 -8.38
C ARG A 14 -13.03 13.10 -8.34
N SER A 15 -13.57 12.22 -9.19
CA SER A 15 -14.98 11.88 -9.18
C SER A 15 -15.32 11.05 -7.94
N SER A 16 -16.62 10.97 -7.65
CA SER A 16 -17.09 10.28 -6.45
C SER A 16 -18.25 9.34 -6.81
N GLY A 17 -18.07 8.07 -6.48
CA GLY A 17 -19.11 7.09 -6.70
C GLY A 17 -19.11 6.50 -8.10
N LYS A 18 -19.82 5.40 -8.25
CA LYS A 18 -19.84 4.64 -9.49
C LYS A 18 -20.53 5.40 -10.62
N LEU A 19 -21.61 6.12 -10.31
CA LEU A 19 -22.41 6.79 -11.34
C LEU A 19 -21.61 7.86 -12.09
N GLU A 20 -20.91 8.71 -11.35
CA GLU A 20 -20.10 9.76 -11.97
C GLU A 20 -18.95 9.16 -12.75
N TRP A 21 -18.27 8.20 -12.13
CA TRP A 21 -17.13 7.52 -12.75
C TRP A 21 -17.54 6.91 -14.09
N SER A 22 -18.62 6.12 -14.07
CA SER A 22 -19.14 5.54 -15.32
C SER A 22 -19.49 6.64 -16.33
N ALA A 23 -20.09 7.73 -15.87
CA ALA A 23 -20.42 8.87 -16.73
C ALA A 23 -19.18 9.46 -17.40
N ILE A 24 -18.14 9.70 -16.61
CA ILE A 24 -16.89 10.27 -17.12
C ILE A 24 -16.26 9.32 -18.14
N LEU A 25 -16.21 8.03 -17.83
CA LEU A 25 -15.62 7.04 -18.73
C LEU A 25 -16.41 6.94 -20.04
N GLN A 26 -17.73 6.93 -19.94
CA GLN A 26 -18.60 6.89 -21.13
C GLN A 26 -18.43 8.10 -22.04
N LYS A 27 -18.30 9.28 -21.45
CA LYS A 27 -18.10 10.50 -22.24
C LYS A 27 -16.72 10.54 -22.87
N MSE A 28 -15.70 10.05 -22.17
CA MSE A 28 -14.37 9.92 -22.76
C MSE A 28 -14.46 8.99 -23.96
O MSE A 28 -13.91 9.28 -25.02
CB MSE A 28 -13.37 9.39 -21.75
CG MSE A 28 -13.04 10.36 -20.62
SE MSE A 28 -11.88 9.50 -19.32
CE MSE A 28 -10.24 9.54 -20.37
N ALA A 29 -15.17 7.87 -23.81
CA ALA A 29 -15.34 6.90 -24.90
C ALA A 29 -16.10 7.52 -26.06
N SER A 30 -17.23 8.18 -25.75
CA SER A 30 -18.05 8.85 -26.76
C SER A 30 -17.27 9.97 -27.48
N ASP A 31 -16.53 10.78 -26.72
CA ASP A 31 -15.71 11.85 -27.30
C ASP A 31 -14.63 11.30 -28.23
N LEU A 32 -14.06 10.16 -27.86
CA LEU A 32 -13.04 9.50 -28.68
C LEU A 32 -13.64 8.92 -29.98
N GLY A 33 -14.93 8.62 -29.96
CA GLY A 33 -15.66 8.15 -31.13
C GLY A 33 -16.35 6.80 -30.99
N PHE A 34 -16.40 6.26 -29.76
CA PHE A 34 -17.07 4.98 -29.48
C PHE A 34 -18.44 5.18 -28.81
N SER A 35 -19.49 4.58 -29.36
CA SER A 35 -20.85 4.77 -28.83
C SER A 35 -21.15 3.94 -27.58
N LYS A 36 -20.61 2.73 -27.49
CA LYS A 36 -20.84 1.90 -26.30
C LYS A 36 -19.54 1.41 -25.67
N ILE A 37 -19.57 1.26 -24.35
CA ILE A 37 -18.42 0.83 -23.59
C ILE A 37 -18.85 -0.09 -22.46
N LEU A 38 -17.97 -1.02 -22.11
CA LEU A 38 -18.12 -1.82 -20.92
C LEU A 38 -16.74 -1.90 -20.25
N PHE A 39 -16.72 -1.52 -18.98
CA PHE A 39 -15.59 -1.71 -18.10
C PHE A 39 -16.02 -2.76 -17.08
N GLY A 40 -15.36 -3.91 -17.12
CA GLY A 40 -15.66 -5.03 -16.24
C GLY A 40 -14.41 -5.40 -15.48
N LEU A 41 -14.56 -5.69 -14.19
CA LEU A 41 -13.43 -5.95 -13.33
C LEU A 41 -13.78 -6.94 -12.22
N LEU A 42 -12.87 -7.87 -11.97
CA LEU A 42 -12.97 -8.84 -10.89
C LEU A 42 -11.73 -8.71 -10.01
N PRO A 43 -11.87 -9.00 -8.71
CA PRO A 43 -10.71 -9.00 -7.83
C PRO A 43 -9.84 -10.24 -8.06
N LYS A 44 -8.65 -10.25 -7.48
CA LYS A 44 -7.70 -11.36 -7.66
C LYS A 44 -8.33 -12.73 -7.45
N ASP A 45 -7.89 -13.68 -8.28
CA ASP A 45 -8.37 -15.08 -8.26
C ASP A 45 -9.86 -15.21 -7.93
N SER A 46 -10.65 -14.36 -8.58
CA SER A 46 -12.08 -14.54 -8.69
C SER A 46 -12.34 -14.82 -10.15
N GLN A 47 -13.26 -15.75 -10.41
CA GLN A 47 -13.73 -16.02 -11.77
C GLN A 47 -15.26 -15.94 -11.83
N ASP A 48 -15.82 -15.12 -10.94
CA ASP A 48 -17.25 -14.93 -10.80
C ASP A 48 -17.68 -13.85 -11.79
N TYR A 49 -17.61 -14.18 -13.07
CA TYR A 49 -17.84 -13.22 -14.15
C TYR A 49 -19.23 -12.60 -14.09
N GLU A 50 -20.21 -13.42 -13.72
CA GLU A 50 -21.60 -12.98 -13.63
C GLU A 50 -21.82 -12.00 -12.46
N ASN A 51 -20.85 -11.92 -11.55
CA ASN A 51 -20.89 -10.98 -10.42
C ASN A 51 -19.76 -9.96 -10.46
N ALA A 52 -19.24 -9.67 -11.65
CA ALA A 52 -18.13 -8.73 -11.79
C ALA A 52 -18.58 -7.29 -11.56
N PHE A 53 -17.61 -6.43 -11.23
CA PHE A 53 -17.85 -4.98 -11.20
C PHE A 53 -17.96 -4.56 -12.66
N ILE A 54 -19.14 -4.11 -13.06
CA ILE A 54 -19.40 -3.75 -14.43
C ILE A 54 -19.88 -2.31 -14.52
N VAL A 55 -19.24 -1.55 -15.39
CA VAL A 55 -19.61 -0.16 -15.66
C VAL A 55 -19.84 0.02 -17.16
N GLY A 56 -20.74 0.92 -17.53
CA GLY A 56 -20.89 1.30 -18.93
C GLY A 56 -22.32 1.37 -19.44
N ASN A 57 -22.43 1.37 -20.76
CA ASN A 57 -23.69 1.66 -21.43
C ASN A 57 -24.09 0.66 -22.52
N TYR A 58 -23.58 -0.57 -22.40
CA TYR A 58 -24.18 -1.70 -23.09
C TYR A 58 -25.69 -1.71 -22.78
N PRO A 59 -26.53 -2.10 -23.76
CA PRO A 59 -27.96 -2.20 -23.48
C PRO A 59 -28.22 -3.13 -22.30
N ALA A 60 -28.98 -2.66 -21.32
CA ALA A 60 -29.28 -3.44 -20.12
C ALA A 60 -29.78 -4.84 -20.45
N ALA A 61 -30.62 -4.95 -21.47
CA ALA A 61 -31.19 -6.24 -21.85
C ALA A 61 -30.10 -7.20 -22.30
N TRP A 62 -29.08 -6.66 -22.98
CA TRP A 62 -27.93 -7.46 -23.38
C TRP A 62 -27.11 -7.89 -22.16
N ARG A 63 -26.74 -6.92 -21.32
CA ARG A 63 -26.05 -7.19 -20.05
C ARG A 63 -26.75 -8.27 -19.23
N GLU A 64 -28.06 -8.15 -19.11
CA GLU A 64 -28.87 -9.11 -18.34
C GLU A 64 -28.84 -10.51 -18.96
N HIS A 65 -29.08 -10.59 -20.26
CA HIS A 65 -28.99 -11.86 -20.98
C HIS A 65 -27.59 -12.47 -20.85
N TYR A 66 -26.57 -11.65 -21.10
CA TYR A 66 -25.18 -12.07 -21.06
C TYR A 66 -24.87 -12.75 -19.72
N ASP A 67 -25.29 -12.12 -18.63
CA ASP A 67 -24.99 -12.62 -17.29
C ASP A 67 -25.80 -13.88 -16.99
N ARG A 68 -27.09 -13.85 -17.28
CA ARG A 68 -27.96 -15.01 -17.02
C ARG A 68 -27.64 -16.21 -17.90
N ALA A 69 -27.11 -15.97 -19.10
CA ALA A 69 -26.73 -17.06 -20.00
C ALA A 69 -25.29 -17.54 -19.75
N GLY A 70 -24.59 -16.88 -18.82
CA GLY A 70 -23.20 -17.21 -18.54
C GLY A 70 -22.30 -16.97 -19.75
N TYR A 71 -22.59 -15.91 -20.50
CA TYR A 71 -21.86 -15.66 -21.75
C TYR A 71 -20.39 -15.34 -21.55
N ALA A 72 -20.00 -14.93 -20.34
CA ALA A 72 -18.59 -14.67 -20.05
C ALA A 72 -17.73 -15.90 -20.37
N ARG A 73 -18.33 -17.08 -20.26
CA ARG A 73 -17.65 -18.35 -20.50
C ARG A 73 -17.68 -18.79 -21.96
N VAL A 74 -18.41 -18.06 -22.80
CA VAL A 74 -18.48 -18.30 -24.26
C VAL A 74 -17.80 -17.18 -25.06
N ASP A 75 -18.01 -15.95 -24.61
CA ASP A 75 -17.41 -14.76 -25.20
C ASP A 75 -15.89 -14.90 -25.42
N PRO A 76 -15.42 -14.88 -26.68
CA PRO A 76 -13.98 -15.03 -26.93
C PRO A 76 -13.12 -13.89 -26.39
N THR A 77 -13.71 -12.71 -26.21
CA THR A 77 -12.95 -11.58 -25.69
C THR A 77 -12.57 -11.84 -24.24
N VAL A 78 -13.46 -12.48 -23.48
CA VAL A 78 -13.19 -12.80 -22.07
C VAL A 78 -12.05 -13.83 -21.94
N SER A 79 -12.14 -14.92 -22.70
CA SER A 79 -11.07 -15.91 -22.69
C SER A 79 -9.77 -15.25 -23.13
N HIS A 80 -9.84 -14.39 -24.14
CA HIS A 80 -8.66 -13.64 -24.55
C HIS A 80 -8.05 -12.85 -23.39
N CYS A 81 -8.90 -12.14 -22.66
CA CYS A 81 -8.45 -11.34 -21.52
C CYS A 81 -7.70 -12.15 -20.48
N THR A 82 -8.10 -13.40 -20.27
CA THR A 82 -7.42 -14.27 -19.30
C THR A 82 -6.04 -14.77 -19.80
N GLN A 83 -5.74 -14.53 -21.08
CA GLN A 83 -4.51 -15.06 -21.71
C GLN A 83 -3.53 -13.96 -22.17
N SER A 84 -3.99 -12.72 -22.26
CA SER A 84 -3.22 -11.69 -22.95
C SER A 84 -3.45 -10.30 -22.36
N VAL A 85 -2.47 -9.43 -22.58
CA VAL A 85 -2.60 -8.01 -22.25
C VAL A 85 -2.87 -7.17 -23.51
N LEU A 86 -2.96 -7.83 -24.66
CA LEU A 86 -3.06 -7.13 -25.94
C LEU A 86 -4.53 -7.00 -26.36
N PRO A 87 -4.85 -6.00 -27.18
CA PRO A 87 -6.23 -5.82 -27.63
C PRO A 87 -6.72 -6.99 -28.45
N ILE A 88 -8.02 -7.28 -28.37
CA ILE A 88 -8.68 -8.20 -29.29
C ILE A 88 -9.79 -7.44 -30.02
N PHE A 89 -9.64 -7.36 -31.33
CA PHE A 89 -10.63 -6.73 -32.18
C PHE A 89 -11.74 -7.73 -32.45
N TRP A 90 -12.96 -7.22 -32.53
CA TRP A 90 -14.12 -8.09 -32.71
C TRP A 90 -14.32 -8.49 -34.16
N GLU A 91 -13.30 -9.13 -34.74
CA GLU A 91 -13.41 -9.74 -36.06
C GLU A 91 -14.32 -10.96 -35.98
N PRO A 92 -15.17 -11.18 -37.00
CA PRO A 92 -16.02 -12.36 -36.99
C PRO A 92 -15.25 -13.66 -36.69
N SER A 93 -13.98 -13.70 -37.09
CA SER A 93 -13.15 -14.89 -36.93
C SER A 93 -12.81 -15.23 -35.47
N ILE A 94 -12.97 -14.29 -34.55
CA ILE A 94 -12.74 -14.60 -33.13
C ILE A 94 -13.88 -15.48 -32.58
N TYR A 95 -15.01 -15.51 -33.28
CA TYR A 95 -16.15 -16.32 -32.85
C TYR A 95 -16.04 -17.65 -33.56
N GLN A 96 -15.47 -18.64 -32.87
CA GLN A 96 -15.03 -19.88 -33.52
C GLN A 96 -16.00 -21.06 -33.34
N THR A 97 -16.52 -21.23 -32.13
CA THR A 97 -17.40 -22.35 -31.82
C THR A 97 -18.84 -22.05 -32.19
N ARG A 98 -19.65 -23.10 -32.19
CA ARG A 98 -21.07 -23.01 -32.44
C ARG A 98 -21.71 -21.98 -31.52
N LYS A 99 -21.46 -22.11 -30.23
CA LYS A 99 -22.04 -21.21 -29.24
C LYS A 99 -21.53 -19.77 -29.42
N GLN A 100 -20.27 -19.63 -29.82
CA GLN A 100 -19.72 -18.32 -30.14
C GLN A 100 -20.37 -17.68 -31.36
N HIS A 101 -20.74 -18.48 -32.36
CA HIS A 101 -21.49 -17.96 -33.50
C HIS A 101 -22.84 -17.38 -33.07
N GLU A 102 -23.54 -18.10 -32.21
CA GLU A 102 -24.82 -17.64 -31.69
C GLU A 102 -24.62 -16.37 -30.88
N PHE A 103 -23.61 -16.39 -30.03
CA PHE A 103 -23.21 -15.21 -29.27
C PHE A 103 -22.99 -13.99 -30.19
N PHE A 104 -22.23 -14.19 -31.26
CA PHE A 104 -21.93 -13.12 -32.20
C PHE A 104 -23.21 -12.54 -32.82
N GLU A 105 -24.12 -13.42 -33.19
CA GLU A 105 -25.40 -13.01 -33.77
C GLU A 105 -26.18 -12.17 -32.76
N GLU A 106 -26.24 -12.65 -31.52
CA GLU A 106 -26.97 -11.97 -30.47
C GLU A 106 -26.33 -10.63 -30.11
N ALA A 107 -25.00 -10.64 -29.99
CA ALA A 107 -24.22 -9.43 -29.72
C ALA A 107 -24.42 -8.43 -30.85
N SER A 108 -24.36 -8.91 -32.08
CA SER A 108 -24.59 -8.07 -33.23
C SER A 108 -25.98 -7.42 -33.15
N ALA A 109 -27.00 -8.19 -32.80
CA ALA A 109 -28.36 -7.67 -32.63
C ALA A 109 -28.43 -6.56 -31.56
N ALA A 110 -27.60 -6.69 -30.54
CA ALA A 110 -27.47 -5.68 -29.47
C ALA A 110 -26.72 -4.42 -29.91
N GLY A 111 -26.27 -4.39 -31.17
CA GLY A 111 -25.46 -3.28 -31.69
C GLY A 111 -23.97 -3.42 -31.43
N LEU A 112 -23.53 -4.60 -30.98
CA LEU A 112 -22.13 -4.82 -30.61
C LEU A 112 -21.35 -5.63 -31.65
N VAL A 113 -21.53 -5.27 -32.92
CA VAL A 113 -20.84 -5.99 -33.99
C VAL A 113 -19.40 -5.54 -34.15
N TYR A 114 -19.17 -4.23 -34.06
CA TYR A 114 -17.82 -3.69 -34.28
C TYR A 114 -17.27 -3.17 -32.98
N GLY A 115 -16.04 -3.54 -32.68
CA GLY A 115 -15.37 -3.02 -31.51
C GLY A 115 -14.09 -3.76 -31.19
N LEU A 116 -13.60 -3.52 -29.99
CA LEU A 116 -12.44 -4.21 -29.47
C LEU A 116 -12.52 -4.30 -27.96
N THR A 117 -11.74 -5.21 -27.40
CA THR A 117 -11.65 -5.38 -25.97
C THR A 117 -10.17 -5.27 -25.58
N MSE A 118 -9.92 -4.39 -24.63
CA MSE A 118 -8.60 -4.21 -24.03
C MSE A 118 -8.59 -5.02 -22.74
O MSE A 118 -9.31 -4.67 -21.80
CB MSE A 118 -8.35 -2.73 -23.72
CG MSE A 118 -8.66 -1.78 -24.87
SE MSE A 118 -7.52 -2.06 -26.40
CE MSE A 118 -5.86 -2.23 -25.38
N PRO A 119 -7.76 -6.08 -22.67
CA PRO A 119 -7.69 -6.78 -21.39
C PRO A 119 -7.11 -5.90 -20.28
N LEU A 120 -7.58 -6.16 -19.06
CA LEU A 120 -7.12 -5.41 -17.89
C LEU A 120 -6.51 -6.37 -16.90
N HIS A 121 -5.31 -6.05 -16.44
CA HIS A 121 -4.67 -6.83 -15.40
C HIS A 121 -4.05 -5.84 -14.44
N GLY A 122 -4.69 -5.72 -13.29
CA GLY A 122 -4.33 -4.69 -12.33
C GLY A 122 -3.17 -5.12 -11.46
N ALA A 123 -2.60 -4.14 -10.78
CA ALA A 123 -1.43 -4.35 -9.93
C ALA A 123 -1.70 -5.31 -8.76
N ARG A 124 -2.97 -5.44 -8.37
CA ARG A 124 -3.33 -6.34 -7.28
C ARG A 124 -4.14 -7.54 -7.77
N GLY A 125 -3.81 -8.02 -8.97
CA GLY A 125 -4.39 -9.26 -9.50
C GLY A 125 -5.77 -9.12 -10.08
N GLU A 126 -6.27 -7.89 -10.22
CA GLU A 126 -7.59 -7.67 -10.82
C GLU A 126 -7.58 -8.17 -12.26
N LEU A 127 -8.68 -8.80 -12.66
CA LEU A 127 -8.90 -9.29 -14.03
C LEU A 127 -10.08 -8.53 -14.60
N GLY A 128 -9.87 -7.94 -15.77
CA GLY A 128 -10.88 -7.09 -16.36
C GLY A 128 -10.89 -7.00 -17.87
N ALA A 129 -11.86 -6.22 -18.35
CA ALA A 129 -11.95 -5.85 -19.75
C ALA A 129 -12.47 -4.43 -19.88
N LEU A 130 -11.89 -3.67 -20.81
CA LEU A 130 -12.47 -2.42 -21.26
C LEU A 130 -12.79 -2.68 -22.74
N SER A 131 -14.08 -2.83 -22.97
CA SER A 131 -14.57 -3.05 -24.33
C SER A 131 -15.23 -1.78 -24.84
N LEU A 132 -15.04 -1.50 -26.14
CA LEU A 132 -15.64 -0.34 -26.75
C LEU A 132 -16.20 -0.75 -28.11
N SER A 133 -17.46 -0.40 -28.38
CA SER A 133 -18.08 -0.63 -29.69
C SER A 133 -18.10 0.66 -30.50
N VAL A 134 -17.99 0.52 -31.81
CA VAL A 134 -18.07 1.65 -32.71
C VAL A 134 -19.23 1.45 -33.66
N GLU A 135 -19.96 2.53 -33.89
CA GLU A 135 -20.96 2.57 -34.93
C GLU A 135 -20.23 2.97 -36.20
N ALA A 136 -20.35 2.11 -37.21
CA ALA A 136 -19.78 2.41 -38.51
C ALA A 136 -20.66 1.79 -39.59
N GLU A 137 -20.44 2.20 -40.83
CA GLU A 137 -21.21 1.68 -41.96
C GLU A 137 -20.75 0.28 -42.33
N ASN A 138 -19.47 -0.02 -42.08
CA ASN A 138 -18.94 -1.38 -42.22
C ASN A 138 -17.75 -1.61 -41.30
N ARG A 139 -17.35 -2.87 -41.17
CA ARG A 139 -16.25 -3.22 -40.29
C ARG A 139 -14.94 -2.61 -40.77
N ALA A 140 -14.77 -2.49 -42.09
CA ALA A 140 -13.61 -1.81 -42.67
C ALA A 140 -13.46 -0.38 -42.12
N GLU A 141 -14.58 0.35 -42.10
CA GLU A 141 -14.61 1.69 -41.53
C GLU A 141 -14.29 1.67 -40.02
N ALA A 142 -14.94 0.77 -39.30
CA ALA A 142 -14.72 0.62 -37.86
C ALA A 142 -13.26 0.35 -37.54
N ASN A 143 -12.65 -0.57 -38.28
CA ASN A 143 -11.22 -0.90 -38.11
C ASN A 143 -10.31 0.28 -38.42
N ARG A 144 -10.63 1.00 -39.50
CA ARG A 144 -9.91 2.23 -39.85
C ARG A 144 -9.91 3.21 -38.68
N PHE A 145 -11.10 3.42 -38.12
CA PHE A 145 -11.26 4.31 -36.99
C PHE A 145 -10.50 3.82 -35.76
N MSE A 146 -10.68 2.54 -35.42
CA MSE A 146 -10.06 1.98 -34.23
C MSE A 146 -8.54 2.04 -34.28
O MSE A 146 -7.89 2.40 -33.29
CB MSE A 146 -10.54 0.54 -34.00
CG MSE A 146 -11.98 0.48 -33.48
SE MSE A 146 -12.55 -1.31 -32.96
CE MSE A 146 -13.09 -1.99 -34.70
N GLU A 147 -7.97 1.73 -35.44
CA GLU A 147 -6.53 1.91 -35.64
C GLU A 147 -6.11 3.36 -35.42
N SER A 148 -6.91 4.32 -35.88
CA SER A 148 -6.56 5.75 -35.75
C SER A 148 -6.50 6.25 -34.30
N VAL A 149 -7.27 5.62 -33.41
CA VAL A 149 -7.31 6.04 -32.00
C VAL A 149 -6.67 5.01 -31.04
N LEU A 150 -6.15 3.92 -31.58
CA LEU A 150 -5.61 2.84 -30.74
C LEU A 150 -4.62 3.32 -29.66
N PRO A 151 -3.65 4.18 -30.03
CA PRO A 151 -2.67 4.58 -29.01
C PRO A 151 -3.32 5.28 -27.81
N THR A 152 -4.32 6.12 -28.08
CA THR A 152 -5.06 6.80 -27.02
C THR A 152 -5.82 5.81 -26.16
N LEU A 153 -6.50 4.86 -26.82
CA LEU A 153 -7.27 3.83 -26.13
C LEU A 153 -6.39 2.94 -25.24
N TRP A 154 -5.18 2.66 -25.72
CA TRP A 154 -4.27 1.76 -25.04
C TRP A 154 -3.77 2.39 -23.73
N MSE A 155 -3.57 3.70 -23.73
CA MSE A 155 -3.29 4.44 -22.50
C MSE A 155 -4.54 4.50 -21.63
O MSE A 155 -4.48 4.32 -20.40
CB MSE A 155 -2.84 5.85 -22.81
CG MSE A 155 -1.55 5.93 -23.61
SE MSE A 155 -0.76 7.69 -23.72
CE MSE A 155 -1.91 8.41 -25.13
N LEU A 156 -5.68 4.76 -22.27
CA LEU A 156 -6.95 4.92 -21.59
C LEU A 156 -7.29 3.71 -20.75
N LYS A 157 -7.16 2.51 -21.32
CA LYS A 157 -7.53 1.29 -20.60
C LYS A 157 -6.77 1.15 -19.28
N ASP A 158 -5.50 1.55 -19.25
CA ASP A 158 -4.71 1.42 -18.03
C ASP A 158 -5.11 2.48 -17.00
N TYR A 159 -5.36 3.70 -17.45
CA TYR A 159 -5.91 4.75 -16.57
C TYR A 159 -7.25 4.31 -15.96
N ALA A 160 -8.11 3.77 -16.82
CA ALA A 160 -9.40 3.23 -16.40
C ALA A 160 -9.23 2.12 -15.37
N LEU A 161 -8.30 1.23 -15.65
CA LEU A 161 -7.98 0.13 -14.74
C LEU A 161 -7.56 0.63 -13.36
N GLN A 162 -6.56 1.51 -13.34
CA GLN A 162 -5.96 1.98 -12.11
C GLN A 162 -7.00 2.70 -11.25
N SER A 163 -7.77 3.56 -11.89
CA SER A 163 -8.84 4.30 -11.23
C SER A 163 -9.96 3.34 -10.81
N GLY A 164 -10.41 2.52 -11.76
CA GLY A 164 -11.56 1.62 -11.55
C GLY A 164 -11.34 0.58 -10.48
N ALA A 165 -10.13 0.03 -10.42
CA ALA A 165 -9.77 -0.93 -9.38
C ALA A 165 -9.92 -0.30 -7.99
N GLY A 166 -9.40 0.92 -7.84
CA GLY A 166 -9.57 1.70 -6.61
C GLY A 166 -11.03 1.94 -6.27
N LEU A 167 -11.80 2.36 -7.26
CA LEU A 167 -13.22 2.59 -7.11
C LEU A 167 -13.94 1.31 -6.69
N ALA A 168 -13.67 0.24 -7.42
CA ALA A 168 -14.37 -1.03 -7.21
C ALA A 168 -13.95 -1.75 -5.94
N PHE A 169 -12.68 -1.64 -5.55
CA PHE A 169 -12.11 -2.52 -4.52
C PHE A 169 -11.38 -1.84 -3.35
N GLU A 170 -10.76 -0.69 -3.58
CA GLU A 170 -10.00 -0.03 -2.51
C GLU A 170 -10.94 0.90 -1.73
N ASP B 7 4.48 -8.57 8.46
CA ASP B 7 4.93 -9.80 7.72
C ASP B 7 6.45 -9.81 7.66
N GLY B 8 6.99 -8.76 7.04
CA GLY B 8 8.41 -8.45 7.20
C GLY B 8 8.66 -8.17 8.68
N PHE B 9 7.67 -7.57 9.34
CA PHE B 9 7.76 -7.28 10.77
C PHE B 9 7.86 -8.54 11.63
N LEU B 10 7.21 -9.62 11.21
CA LEU B 10 7.18 -10.85 12.01
C LEU B 10 8.47 -11.68 11.94
N GLU B 11 9.48 -11.18 11.24
CA GLU B 11 10.84 -11.73 11.34
C GLU B 11 11.43 -11.47 12.73
N LEU B 12 10.99 -10.42 13.41
CA LEU B 12 11.46 -10.17 14.78
C LEU B 12 11.05 -11.33 15.69
N GLU B 13 9.77 -11.67 15.67
CA GLU B 13 9.28 -12.80 16.45
C GLU B 13 9.81 -14.15 15.95
N ARG B 14 10.11 -14.23 14.65
CA ARG B 14 10.67 -15.45 14.06
C ARG B 14 12.09 -15.74 14.58
N SER B 15 12.85 -14.69 14.87
CA SER B 15 14.24 -14.84 15.31
C SER B 15 14.36 -15.39 16.72
N SER B 16 15.58 -15.75 17.09
CA SER B 16 15.87 -16.29 18.41
C SER B 16 17.20 -15.72 18.94
N GLY B 17 17.18 -15.23 20.17
CA GLY B 17 18.35 -14.60 20.79
C GLY B 17 18.44 -13.12 20.52
N LYS B 18 19.09 -12.41 21.42
CA LYS B 18 19.19 -10.95 21.35
C LYS B 18 20.03 -10.48 20.14
N LEU B 19 21.12 -11.18 19.84
CA LEU B 19 21.99 -10.78 18.73
C LEU B 19 21.20 -10.75 17.41
N GLU B 20 20.51 -11.84 17.10
CA GLU B 20 19.72 -11.91 15.85
C GLU B 20 18.58 -10.88 15.80
N TRP B 21 17.83 -10.79 16.89
CA TRP B 21 16.76 -9.79 17.01
C TRP B 21 17.30 -8.39 16.71
N SER B 22 18.41 -8.04 17.36
CA SER B 22 18.99 -6.72 17.16
C SER B 22 19.43 -6.50 15.71
N ALA B 23 20.05 -7.52 15.10
CA ALA B 23 20.49 -7.41 13.71
C ALA B 23 19.30 -7.16 12.78
N ILE B 24 18.20 -7.87 13.04
CA ILE B 24 16.99 -7.71 12.25
C ILE B 24 16.42 -6.30 12.39
N LEU B 25 16.22 -5.86 13.62
CA LEU B 25 15.72 -4.52 13.86
C LEU B 25 16.63 -3.46 13.25
N GLN B 26 17.93 -3.61 13.43
CA GLN B 26 18.89 -2.65 12.87
C GLN B 26 18.80 -2.56 11.34
N LYS B 27 18.70 -3.72 10.70
CA LYS B 27 18.55 -3.79 9.25
C LYS B 27 17.25 -3.13 8.79
N MSE B 28 16.15 -3.39 9.48
CA MSE B 28 14.86 -2.77 9.15
C MSE B 28 14.98 -1.26 9.21
O MSE B 28 14.53 -0.55 8.31
CB MSE B 28 13.76 -3.23 10.10
CG MSE B 28 13.37 -4.66 9.92
SE MSE B 28 12.07 -5.23 11.24
CE MSE B 28 11.89 -7.05 10.66
N ALA B 29 15.60 -0.78 10.29
CA ALA B 29 15.83 0.65 10.49
C ALA B 29 16.74 1.22 9.41
N SER B 30 17.83 0.50 9.11
CA SER B 30 18.76 0.90 8.05
C SER B 30 18.07 0.99 6.70
N ASP B 31 17.23 -0.01 6.39
CA ASP B 31 16.50 -0.04 5.13
C ASP B 31 15.53 1.15 5.01
N LEU B 32 15.08 1.67 6.15
CA LEU B 32 14.22 2.86 6.22
C LEU B 32 14.98 4.20 6.22
N GLY B 33 16.31 4.13 6.29
CA GLY B 33 17.17 5.29 6.22
C GLY B 33 17.86 5.69 7.52
N PHE B 34 17.73 4.86 8.56
CA PHE B 34 18.26 5.19 9.88
C PHE B 34 19.47 4.32 10.21
N SER B 35 20.64 4.96 10.32
CA SER B 35 21.89 4.26 10.60
C SER B 35 22.11 4.00 12.08
N LYS B 36 21.41 4.74 12.94
CA LYS B 36 21.49 4.51 14.38
C LYS B 36 20.11 4.32 14.98
N ILE B 37 19.99 3.28 15.79
CA ILE B 37 18.74 2.92 16.44
C ILE B 37 19.04 2.48 17.87
N LEU B 38 18.12 2.80 18.75
CA LEU B 38 18.07 2.27 20.09
C LEU B 38 16.65 1.78 20.41
N PHE B 39 16.58 0.56 20.90
CA PHE B 39 15.37 -0.02 21.48
C PHE B 39 15.67 -0.23 22.97
N GLY B 40 14.98 0.50 23.82
CA GLY B 40 15.19 0.43 25.27
C GLY B 40 13.88 0.05 25.93
N LEU B 41 13.93 -0.81 26.94
CA LEU B 41 12.72 -1.33 27.56
C LEU B 41 12.94 -1.67 29.04
N LEU B 42 11.95 -1.32 29.86
CA LEU B 42 11.93 -1.61 31.27
C LEU B 42 10.63 -2.35 31.60
N PRO B 43 10.64 -3.17 32.65
CA PRO B 43 9.41 -3.82 33.10
C PRO B 43 8.52 -2.79 33.82
N LYS B 44 7.27 -3.18 34.06
CA LYS B 44 6.30 -2.29 34.71
C LYS B 44 6.83 -1.75 36.03
N ASP B 45 6.46 -0.51 36.34
CA ASP B 45 6.82 0.14 37.61
C ASP B 45 8.30 0.53 37.72
N SER B 46 9.14 0.08 36.79
CA SER B 46 10.56 0.34 36.89
C SER B 46 10.94 1.66 36.23
N GLN B 47 11.75 2.45 36.92
CA GLN B 47 12.31 3.66 36.33
C GLN B 47 13.84 3.55 36.36
N ASP B 48 14.34 2.32 36.29
CA ASP B 48 15.77 2.06 36.35
C ASP B 48 16.39 2.21 34.95
N TYR B 49 16.43 3.45 34.46
CA TYR B 49 16.84 3.71 33.07
C TYR B 49 18.25 3.25 32.76
N GLU B 50 19.13 3.34 33.74
CA GLU B 50 20.55 3.02 33.53
C GLU B 50 20.81 1.52 33.41
N ASN B 51 19.81 0.70 33.72
CA ASN B 51 19.94 -0.75 33.64
C ASN B 51 18.81 -1.37 32.83
N ALA B 52 18.25 -0.59 31.91
CA ALA B 52 17.22 -1.07 31.00
C ALA B 52 17.78 -2.11 30.04
N PHE B 53 16.88 -2.87 29.43
CA PHE B 53 17.21 -3.71 28.29
C PHE B 53 17.42 -2.80 27.08
N ILE B 54 18.63 -2.80 26.54
CA ILE B 54 18.97 -1.96 25.42
C ILE B 54 19.37 -2.81 24.22
N VAL B 55 18.80 -2.46 23.07
CA VAL B 55 19.21 -3.06 21.80
C VAL B 55 19.53 -1.95 20.82
N GLY B 56 20.54 -2.19 19.98
CA GLY B 56 20.80 -1.30 18.85
C GLY B 56 22.27 -1.00 18.61
N ASN B 57 22.51 0.09 17.91
CA ASN B 57 23.84 0.40 17.41
C ASN B 57 24.26 1.85 17.65
N TYR B 58 23.71 2.49 18.68
CA TYR B 58 24.28 3.75 19.16
C TYR B 58 25.76 3.51 19.50
N PRO B 59 26.63 4.51 19.26
CA PRO B 59 28.04 4.27 19.60
C PRO B 59 28.22 3.80 21.05
N ALA B 60 28.97 2.71 21.24
CA ALA B 60 29.11 2.12 22.57
C ALA B 60 29.60 3.13 23.60
N ALA B 61 30.52 4.01 23.21
CA ALA B 61 31.03 5.05 24.13
C ALA B 61 29.93 6.00 24.56
N TRP B 62 29.01 6.30 23.63
CA TRP B 62 27.87 7.16 23.95
C TRP B 62 26.93 6.45 24.94
N ARG B 63 26.53 5.23 24.61
CA ARG B 63 25.73 4.41 25.51
C ARG B 63 26.31 4.38 26.92
N GLU B 64 27.60 4.14 27.01
CA GLU B 64 28.30 4.03 28.29
C GLU B 64 28.23 5.35 29.06
N HIS B 65 28.60 6.44 28.39
CA HIS B 65 28.54 7.77 28.97
C HIS B 65 27.11 8.13 29.40
N TYR B 66 26.15 7.90 28.50
CA TYR B 66 24.73 8.14 28.74
C TYR B 66 24.26 7.49 30.06
N ASP B 67 24.54 6.20 30.20
CA ASP B 67 24.15 5.48 31.41
C ASP B 67 24.94 5.95 32.63
N ARG B 68 26.24 6.15 32.46
CA ARG B 68 27.10 6.61 33.55
C ARG B 68 26.68 7.96 34.10
N ALA B 69 26.41 8.91 33.19
CA ALA B 69 26.05 10.28 33.58
C ALA B 69 24.57 10.42 33.95
N GLY B 70 23.79 9.35 33.78
CA GLY B 70 22.36 9.36 34.11
C GLY B 70 21.57 10.25 33.19
N TYR B 71 21.96 10.25 31.91
CA TYR B 71 21.35 11.15 30.91
C TYR B 71 19.87 10.88 30.63
N ALA B 72 19.39 9.68 30.93
CA ALA B 72 17.97 9.36 30.85
C ALA B 72 17.11 10.38 31.60
N ARG B 73 17.65 10.94 32.68
CA ARG B 73 16.92 11.86 33.54
C ARG B 73 16.99 13.32 33.08
N VAL B 74 17.83 13.57 32.09
CA VAL B 74 17.90 14.88 31.44
C VAL B 74 17.35 14.80 30.01
N ASP B 75 17.57 13.68 29.34
CA ASP B 75 17.14 13.46 27.96
C ASP B 75 15.64 13.70 27.81
N PRO B 76 15.23 14.73 27.03
CA PRO B 76 13.79 15.03 26.95
C PRO B 76 12.97 13.92 26.27
N THR B 77 13.61 13.09 25.45
CA THR B 77 12.88 12.00 24.80
C THR B 77 12.39 10.95 25.82
N VAL B 78 13.11 10.77 26.92
CA VAL B 78 12.74 9.78 27.94
C VAL B 78 11.56 10.29 28.78
N SER B 79 11.69 11.50 29.29
CA SER B 79 10.57 12.18 29.94
C SER B 79 9.32 12.03 29.07
N HIS B 80 9.47 12.36 27.79
CA HIS B 80 8.36 12.28 26.85
C HIS B 80 7.71 10.91 26.82
N CYS B 81 8.53 9.86 26.75
CA CYS B 81 8.04 8.48 26.70
C CYS B 81 7.15 8.13 27.89
N THR B 82 7.46 8.67 29.07
CA THR B 82 6.69 8.38 30.28
C THR B 82 5.32 9.05 30.28
N GLN B 83 5.11 10.00 29.37
CA GLN B 83 3.90 10.83 29.34
C GLN B 83 3.03 10.66 28.08
N SER B 84 3.55 9.98 27.07
CA SER B 84 2.88 9.93 25.77
C SER B 84 3.15 8.64 25.04
N VAL B 85 2.22 8.31 24.15
CA VAL B 85 2.38 7.24 23.18
C VAL B 85 2.78 7.78 21.79
N LEU B 86 3.00 9.09 21.67
CA LEU B 86 3.22 9.71 20.38
C LEU B 86 4.70 10.00 20.18
N PRO B 87 5.17 9.97 18.93
CA PRO B 87 6.58 10.21 18.70
C PRO B 87 6.99 11.60 19.14
N ILE B 88 8.22 11.72 19.60
CA ILE B 88 8.87 13.00 19.78
C ILE B 88 10.01 13.10 18.77
N PHE B 89 9.96 14.15 17.97
CA PHE B 89 10.97 14.40 16.98
C PHE B 89 12.09 15.23 17.62
N TRP B 90 13.32 14.92 17.26
CA TRP B 90 14.46 15.59 17.88
C TRP B 90 14.67 16.92 17.22
N GLU B 91 14.14 17.96 17.84
CA GLU B 91 14.34 19.31 17.34
C GLU B 91 14.82 20.15 18.51
N PRO B 92 15.48 21.29 18.22
CA PRO B 92 15.96 22.18 19.27
C PRO B 92 14.91 22.51 20.33
N SER B 93 13.66 22.65 19.91
CA SER B 93 12.58 23.02 20.82
C SER B 93 12.40 22.05 22.00
N ILE B 94 12.74 20.77 21.79
CA ILE B 94 12.60 19.77 22.87
C ILE B 94 13.71 19.86 23.92
N TYR B 95 14.79 20.56 23.58
CA TYR B 95 15.88 20.78 24.53
C TYR B 95 15.72 22.19 25.09
N GLN B 96 14.96 22.27 26.18
CA GLN B 96 14.48 23.55 26.70
C GLN B 96 15.41 24.07 27.79
N THR B 97 15.69 23.20 28.76
CA THR B 97 16.44 23.60 29.95
C THR B 97 17.92 23.72 29.64
N ARG B 98 18.66 24.36 30.55
CA ARG B 98 20.11 24.51 30.43
C ARG B 98 20.80 23.16 30.39
N LYS B 99 20.35 22.23 31.23
CA LYS B 99 20.92 20.87 31.26
C LYS B 99 20.59 20.07 30.00
N GLN B 100 19.41 20.31 29.43
CA GLN B 100 19.00 19.64 28.20
C GLN B 100 19.82 20.13 27.01
N HIS B 101 20.07 21.44 26.96
CA HIS B 101 21.01 22.00 25.97
C HIS B 101 22.38 21.34 26.07
N GLU B 102 22.88 21.16 27.29
CA GLU B 102 24.18 20.49 27.52
C GLU B 102 24.14 19.10 26.92
N PHE B 103 23.06 18.38 27.26
CA PHE B 103 22.87 17.04 26.77
C PHE B 103 22.80 16.99 25.23
N PHE B 104 22.09 17.93 24.62
CA PHE B 104 22.03 18.00 23.15
C PHE B 104 23.41 18.14 22.52
N GLU B 105 24.26 18.98 23.10
CA GLU B 105 25.63 19.16 22.60
C GLU B 105 26.40 17.85 22.67
N GLU B 106 26.24 17.12 23.78
CA GLU B 106 26.87 15.81 23.94
C GLU B 106 26.33 14.77 22.94
N ALA B 107 25.01 14.71 22.80
CA ALA B 107 24.37 13.80 21.84
C ALA B 107 24.80 14.13 20.42
N SER B 108 24.82 15.42 20.09
CA SER B 108 25.23 15.87 18.76
C SER B 108 26.63 15.37 18.43
N ALA B 109 27.53 15.38 19.41
CA ALA B 109 28.90 14.88 19.22
C ALA B 109 28.91 13.39 18.85
N ALA B 110 27.92 12.65 19.35
CA ALA B 110 27.73 11.24 19.02
C ALA B 110 27.02 11.04 17.67
N GLY B 111 26.70 12.12 16.98
CA GLY B 111 25.96 12.04 15.71
C GLY B 111 24.44 11.91 15.85
N LEU B 112 23.90 12.15 17.03
CA LEU B 112 22.47 11.96 17.26
C LEU B 112 21.72 13.29 17.24
N VAL B 113 21.80 13.97 16.10
CA VAL B 113 21.23 15.30 15.94
C VAL B 113 19.79 15.21 15.44
N TYR B 114 19.56 14.39 14.42
CA TYR B 114 18.24 14.26 13.82
C TYR B 114 17.69 12.88 14.11
N GLY B 115 16.43 12.85 14.49
CA GLY B 115 15.75 11.58 14.67
C GLY B 115 14.44 11.74 15.36
N LEU B 116 13.91 10.61 15.81
CA LEU B 116 12.68 10.59 16.58
C LEU B 116 12.76 9.47 17.60
N THR B 117 11.93 9.59 18.62
CA THR B 117 11.78 8.56 19.62
C THR B 117 10.29 8.23 19.69
N MSE B 118 10.02 6.94 19.59
CA MSE B 118 8.68 6.39 19.64
C MSE B 118 8.53 5.76 21.01
O MSE B 118 9.23 4.77 21.30
CB MSE B 118 8.52 5.35 18.55
CG MSE B 118 8.18 5.96 17.24
SE MSE B 118 6.26 6.30 16.98
CE MSE B 118 5.59 6.06 18.78
N PRO B 119 7.67 6.33 21.85
CA PRO B 119 7.47 5.70 23.14
C PRO B 119 6.86 4.30 23.00
N LEU B 120 7.22 3.44 23.92
CA LEU B 120 6.71 2.09 23.95
C LEU B 120 6.01 1.87 25.29
N HIS B 121 4.78 1.39 25.20
CA HIS B 121 3.99 1.05 26.38
C HIS B 121 3.34 -0.30 26.13
N GLY B 122 3.91 -1.33 26.74
CA GLY B 122 3.49 -2.69 26.43
C GLY B 122 2.22 -3.09 27.15
N ALA B 123 1.67 -4.23 26.74
CA ALA B 123 0.44 -4.74 27.33
C ALA B 123 0.57 -5.03 28.82
N ARG B 124 1.81 -5.25 29.27
CA ARG B 124 2.07 -5.59 30.66
C ARG B 124 2.78 -4.47 31.41
N GLY B 125 2.63 -3.25 30.93
CA GLY B 125 3.19 -2.08 31.61
C GLY B 125 4.63 -1.80 31.28
N GLU B 126 5.22 -2.56 30.36
CA GLU B 126 6.59 -2.30 29.95
C GLU B 126 6.67 -0.86 29.46
N LEU B 127 7.74 -0.17 29.85
CA LEU B 127 8.02 1.19 29.41
C LEU B 127 9.27 1.16 28.56
N GLY B 128 9.21 1.78 27.40
CA GLY B 128 10.32 1.76 26.46
C GLY B 128 10.38 2.91 25.49
N ALA B 129 11.39 2.81 24.63
CA ALA B 129 11.64 3.79 23.60
C ALA B 129 12.24 3.06 22.41
N LEU B 130 11.74 3.37 21.22
CA LEU B 130 12.42 2.95 20.01
C LEU B 130 12.88 4.29 19.39
N SER B 131 14.16 4.55 19.42
CA SER B 131 14.74 5.77 18.89
C SER B 131 15.42 5.44 17.57
N LEU B 132 15.21 6.31 16.59
CA LEU B 132 15.85 6.18 15.30
C LEU B 132 16.47 7.52 14.93
N SER B 133 17.77 7.51 14.61
CA SER B 133 18.45 8.70 14.16
C SER B 133 18.83 8.58 12.69
N VAL B 134 18.59 9.66 11.94
CA VAL B 134 18.92 9.73 10.53
C VAL B 134 20.07 10.72 10.32
N GLU B 135 20.96 10.37 9.43
CA GLU B 135 22.02 11.26 9.03
C GLU B 135 21.45 12.15 7.93
N ALA B 136 21.59 13.45 8.09
CA ALA B 136 21.05 14.39 7.10
C ALA B 136 21.91 15.63 7.02
N GLU B 137 21.76 16.36 5.91
CA GLU B 137 22.53 17.58 5.70
C GLU B 137 21.95 18.72 6.53
N ASN B 138 20.64 18.70 6.73
CA ASN B 138 19.96 19.68 7.58
C ASN B 138 18.59 19.17 8.06
N ARG B 139 17.91 20.00 8.84
CA ARG B 139 16.64 19.59 9.42
CA ARG B 139 16.61 19.67 9.42
C ARG B 139 15.58 19.35 8.33
N ALA B 140 15.56 20.18 7.29
CA ALA B 140 14.64 19.99 6.16
C ALA B 140 14.79 18.59 5.57
N GLU B 141 16.03 18.19 5.30
CA GLU B 141 16.29 16.89 4.70
C GLU B 141 15.92 15.74 5.66
N ALA B 142 16.38 15.84 6.90
CA ALA B 142 16.03 14.87 7.94
C ALA B 142 14.52 14.65 8.04
N ASN B 143 13.76 15.74 8.07
CA ASN B 143 12.32 15.64 8.19
C ASN B 143 11.70 14.96 6.97
N ARG B 144 12.17 15.33 5.79
CA ARG B 144 11.73 14.66 4.56
C ARG B 144 11.96 13.15 4.67
N PHE B 145 13.18 12.78 5.05
CA PHE B 145 13.55 11.36 5.22
C PHE B 145 12.62 10.62 6.20
N MSE B 146 12.27 11.28 7.30
CA MSE B 146 11.44 10.68 8.35
C MSE B 146 9.96 10.63 7.98
O MSE B 146 9.29 9.61 8.18
CB MSE B 146 11.64 11.41 9.67
CG MSE B 146 13.02 11.20 10.26
SE MSE B 146 13.19 11.89 12.07
CE MSE B 146 13.72 13.72 11.65
N GLU B 147 9.44 11.72 7.44
CA GLU B 147 8.04 11.78 7.06
C GLU B 147 7.74 10.68 6.03
N SER B 148 8.69 10.40 5.13
CA SER B 148 8.47 9.38 4.10
C SER B 148 8.21 7.97 4.68
N VAL B 149 8.77 7.69 5.85
CA VAL B 149 8.65 6.35 6.46
C VAL B 149 7.87 6.31 7.77
N LEU B 150 7.30 7.43 8.20
CA LEU B 150 6.69 7.51 9.53
C LEU B 150 5.58 6.45 9.77
N PRO B 151 4.69 6.24 8.78
CA PRO B 151 3.67 5.20 9.01
C PRO B 151 4.29 3.82 9.24
N THR B 152 5.31 3.49 8.45
CA THR B 152 6.03 2.23 8.62
C THR B 152 6.69 2.11 9.99
N LEU B 153 7.35 3.18 10.44
CA LEU B 153 8.00 3.18 11.76
C LEU B 153 6.98 3.05 12.88
N TRP B 154 5.82 3.65 12.68
CA TRP B 154 4.75 3.64 13.68
C TRP B 154 4.21 2.22 13.87
N MSE B 155 4.14 1.45 12.79
CA MSE B 155 3.78 0.05 12.89
C MSE B 155 4.95 -0.74 13.48
O MSE B 155 4.76 -1.58 14.37
CB MSE B 155 3.40 -0.50 11.53
CG MSE B 155 2.16 0.13 10.94
SE MSE B 155 1.53 -0.82 9.40
CE MSE B 155 2.97 -0.31 8.20
N LEU B 156 6.17 -0.48 12.98
CA LEU B 156 7.38 -1.18 13.44
C LEU B 156 7.55 -1.12 14.97
N LYS B 157 7.33 0.04 15.55
CA LYS B 157 7.57 0.22 16.99
C LYS B 157 6.70 -0.72 17.83
N ASP B 158 5.47 -0.93 17.42
CA ASP B 158 4.57 -1.85 18.16
C ASP B 158 4.95 -3.32 17.95
N TYR B 159 5.38 -3.68 16.77
CA TYR B 159 5.90 -5.02 16.51
C TYR B 159 7.15 -5.28 17.34
N ALA B 160 8.04 -4.31 17.31
CA ALA B 160 9.27 -4.37 18.09
C ALA B 160 8.97 -4.50 19.58
N LEU B 161 8.03 -3.70 20.06
CA LEU B 161 7.60 -3.75 21.46
C LEU B 161 7.03 -5.12 21.82
N GLN B 162 6.13 -5.65 21.00
CA GLN B 162 5.47 -6.92 21.34
C GLN B 162 6.48 -8.06 21.37
N SER B 163 7.31 -8.12 20.34
CA SER B 163 8.39 -9.12 20.25
C SER B 163 9.44 -8.88 21.33
N GLY B 164 9.94 -7.66 21.39
CA GLY B 164 11.01 -7.28 22.31
C GLY B 164 10.70 -7.54 23.78
N ALA B 165 9.44 -7.31 24.17
CA ALA B 165 9.02 -7.53 25.57
C ALA B 165 9.34 -8.95 26.04
N GLY B 166 9.03 -9.95 25.21
CA GLY B 166 9.41 -11.34 25.48
C GLY B 166 10.92 -11.54 25.54
N LEU B 167 11.62 -11.05 24.51
CA LEU B 167 13.08 -11.15 24.47
C LEU B 167 13.72 -10.56 25.73
N ALA B 168 13.21 -9.39 26.14
CA ALA B 168 13.74 -8.65 27.27
C ALA B 168 13.53 -9.32 28.62
N PHE B 169 12.32 -9.77 28.89
CA PHE B 169 11.93 -10.13 30.26
C PHE B 169 11.55 -11.59 30.50
N GLU B 170 11.50 -12.40 29.44
CA GLU B 170 11.15 -13.81 29.60
C GLU B 170 12.38 -14.60 30.07
N ALA C 4 5.96 -0.03 -37.36
CA ALA C 4 7.28 -0.49 -36.83
C ALA C 4 7.13 -1.20 -35.49
N LEU C 5 6.13 -0.80 -34.71
CA LEU C 5 5.90 -1.38 -33.38
C LEU C 5 5.35 -2.79 -33.50
N VAL C 6 4.33 -2.97 -34.36
CA VAL C 6 3.73 -4.28 -34.57
C VAL C 6 4.75 -5.19 -35.26
N ASP C 7 5.51 -4.62 -36.20
CA ASP C 7 6.66 -5.32 -36.81
C ASP C 7 7.65 -5.81 -35.77
N GLY C 8 7.92 -4.96 -34.77
CA GLY C 8 8.83 -5.29 -33.66
C GLY C 8 8.30 -6.43 -32.81
N PHE C 9 7.01 -6.36 -32.46
CA PHE C 9 6.36 -7.44 -31.72
C PHE C 9 6.47 -8.77 -32.47
N LEU C 10 6.19 -8.72 -33.76
CA LEU C 10 6.33 -9.91 -34.62
C LEU C 10 7.75 -10.46 -34.62
N GLU C 11 8.76 -9.58 -34.71
CA GLU C 11 10.16 -9.98 -34.59
C GLU C 11 10.45 -10.68 -33.27
N LEU C 12 10.02 -10.08 -32.16
CA LEU C 12 10.16 -10.68 -30.86
C LEU C 12 9.57 -12.09 -30.84
N GLU C 13 8.40 -12.23 -31.45
CA GLU C 13 7.68 -13.49 -31.49
C GLU C 13 8.20 -14.46 -32.54
N ARG C 14 9.20 -14.03 -33.31
CA ARG C 14 9.91 -14.93 -34.23
C ARG C 14 11.36 -15.12 -33.76
N SER C 15 11.68 -14.62 -32.57
CA SER C 15 13.06 -14.73 -32.06
C SER C 15 13.22 -16.03 -31.31
N SER C 16 14.48 -16.41 -31.08
CA SER C 16 14.80 -17.63 -30.33
C SER C 16 15.89 -17.31 -29.33
N GLY C 17 15.60 -17.59 -28.06
CA GLY C 17 16.55 -17.35 -26.98
C GLY C 17 16.45 -15.95 -26.42
N LYS C 18 17.03 -15.78 -25.24
CA LYS C 18 16.98 -14.51 -24.54
C LYS C 18 17.81 -13.43 -25.25
N LEU C 19 18.97 -13.81 -25.76
CA LEU C 19 19.88 -12.86 -26.41
C LEU C 19 19.21 -12.14 -27.57
N GLU C 20 18.60 -12.90 -28.49
CA GLU C 20 17.96 -12.31 -29.65
C GLU C 20 16.77 -11.44 -29.26
N TRP C 21 15.91 -11.98 -28.40
CA TRP C 21 14.78 -11.24 -27.86
C TRP C 21 15.25 -9.93 -27.25
N SER C 22 16.27 -10.00 -26.39
CA SER C 22 16.81 -8.81 -25.75
CA SER C 22 16.83 -8.81 -25.75
C SER C 22 17.31 -7.80 -26.78
N ALA C 23 18.03 -8.28 -27.79
CA ALA C 23 18.58 -7.41 -28.83
C ALA C 23 17.48 -6.67 -29.58
N ILE C 24 16.42 -7.39 -29.94
CA ILE C 24 15.29 -6.80 -30.64
C ILE C 24 14.63 -5.69 -29.80
N LEU C 25 14.28 -6.01 -28.56
CA LEU C 25 13.67 -5.03 -27.65
C LEU C 25 14.56 -3.79 -27.44
N GLN C 26 15.85 -4.01 -27.22
CA GLN C 26 16.80 -2.90 -27.05
C GLN C 26 16.81 -1.98 -28.26
N LYS C 27 16.80 -2.57 -29.45
CA LYS C 27 16.82 -1.80 -30.70
CA LYS C 27 16.82 -1.80 -30.70
CA LYS C 27 16.82 -1.81 -30.70
C LYS C 27 15.52 -1.03 -30.90
N MSE C 28 14.40 -1.65 -30.50
CA MSE C 28 13.11 -0.98 -30.57
C MSE C 28 13.12 0.27 -29.68
O MSE C 28 12.68 1.33 -30.09
CB MSE C 28 11.99 -1.93 -30.15
CG MSE C 28 11.71 -3.05 -31.14
SE MSE C 28 10.48 -4.39 -30.44
CE MSE C 28 8.92 -3.23 -30.39
N ALA C 29 13.67 0.12 -28.48
CA ALA C 29 13.77 1.23 -27.53
C ALA C 29 14.74 2.30 -28.05
N SER C 30 15.90 1.85 -28.57
CA SER C 30 16.91 2.75 -29.11
C SER C 30 16.38 3.55 -30.29
N ASP C 31 15.74 2.86 -31.23
CA ASP C 31 15.11 3.51 -32.39
C ASP C 31 14.10 4.56 -31.95
N LEU C 32 13.34 4.26 -30.91
CA LEU C 32 12.34 5.18 -30.38
C LEU C 32 12.97 6.40 -29.71
N GLY C 33 14.22 6.26 -29.26
CA GLY C 33 15.00 7.38 -28.74
C GLY C 33 15.47 7.21 -27.31
N PHE C 34 15.21 6.05 -26.71
CA PHE C 34 15.69 5.76 -25.36
C PHE C 34 17.11 5.22 -25.41
N SER C 35 17.79 5.26 -24.27
CA SER C 35 19.19 4.88 -24.21
C SER C 35 19.36 3.46 -23.71
N LYS C 36 19.04 3.24 -22.44
CA LYS C 36 19.21 1.94 -21.83
C LYS C 36 17.87 1.45 -21.34
N ILE C 37 17.69 0.14 -21.36
CA ILE C 37 16.45 -0.45 -20.93
C ILE C 37 16.68 -1.61 -19.99
N LEU C 38 15.68 -1.85 -19.17
CA LEU C 38 15.59 -3.04 -18.37
C LEU C 38 14.16 -3.57 -18.48
N PHE C 39 14.06 -4.83 -18.87
CA PHE C 39 12.81 -5.57 -18.87
C PHE C 39 12.98 -6.62 -17.79
N GLY C 40 12.22 -6.48 -16.71
CA GLY C 40 12.28 -7.39 -15.58
C GLY C 40 10.95 -8.07 -15.36
N LEU C 41 10.97 -9.37 -15.08
CA LEU C 41 9.74 -10.13 -14.94
C LEU C 41 9.84 -11.23 -13.88
N LEU C 42 8.82 -11.29 -13.02
CA LEU C 42 8.67 -12.35 -12.03
C LEU C 42 7.39 -13.12 -12.28
N PRO C 43 7.39 -14.42 -11.98
CA PRO C 43 6.16 -15.19 -12.10
C PRO C 43 5.17 -14.82 -10.99
N LYS C 44 3.96 -15.37 -11.09
CA LYS C 44 2.89 -15.08 -10.15
C LYS C 44 3.31 -15.37 -8.70
N ASP C 45 2.98 -14.45 -7.80
CA ASP C 45 3.20 -14.61 -6.36
C ASP C 45 4.68 -14.80 -5.99
N SER C 46 5.57 -14.16 -6.74
CA SER C 46 7.00 -14.15 -6.42
C SER C 46 7.47 -12.72 -6.17
N GLN C 47 8.27 -12.53 -5.13
CA GLN C 47 9.00 -11.28 -4.94
C GLN C 47 10.50 -11.57 -4.87
N ASP C 48 10.92 -12.64 -5.55
CA ASP C 48 12.33 -12.98 -5.63
C ASP C 48 12.99 -12.04 -6.63
N TYR C 49 12.99 -10.75 -6.29
CA TYR C 49 13.42 -9.68 -7.19
C TYR C 49 14.86 -9.90 -7.67
N GLU C 50 15.70 -10.38 -6.76
CA GLU C 50 17.12 -10.61 -7.05
C GLU C 50 17.36 -11.79 -7.97
N ASN C 51 16.32 -12.58 -8.23
CA ASN C 51 16.37 -13.64 -9.25
C ASN C 51 15.18 -13.57 -10.22
N ALA C 52 14.82 -12.35 -10.61
CA ALA C 52 13.83 -12.14 -11.66
C ALA C 52 14.46 -12.41 -13.02
N PHE C 53 13.61 -12.63 -14.02
CA PHE C 53 14.03 -12.63 -15.42
C PHE C 53 14.33 -11.18 -15.79
N ILE C 54 15.59 -10.90 -16.14
CA ILE C 54 16.01 -9.54 -16.42
C ILE C 54 16.71 -9.44 -17.76
N VAL C 55 16.20 -8.56 -18.60
CA VAL C 55 16.76 -8.35 -19.92
C VAL C 55 17.10 -6.88 -20.08
N GLY C 56 18.13 -6.60 -20.87
CA GLY C 56 18.45 -5.25 -21.27
C GLY C 56 19.92 -4.87 -21.21
N ASN C 57 20.17 -3.56 -21.20
CA ASN C 57 21.52 -3.04 -21.36
C ASN C 57 21.95 -2.04 -20.29
N TYR C 58 21.27 -2.04 -19.14
CA TYR C 58 21.79 -1.36 -17.96
C TYR C 58 23.24 -1.80 -17.74
N PRO C 59 24.11 -0.88 -17.29
CA PRO C 59 25.49 -1.24 -16.98
C PRO C 59 25.57 -2.47 -16.06
N ALA C 60 26.35 -3.46 -16.47
CA ALA C 60 26.44 -4.72 -15.74
C ALA C 60 26.85 -4.50 -14.28
N ALA C 61 27.80 -3.59 -14.06
CA ALA C 61 28.25 -3.29 -12.70
C ALA C 61 27.11 -2.74 -11.85
N TRP C 62 26.23 -1.96 -12.45
CA TRP C 62 25.06 -1.42 -11.77
C TRP C 62 24.09 -2.56 -11.42
N ARG C 63 23.66 -3.32 -12.43
CA ARG C 63 22.80 -4.49 -12.23
C ARG C 63 23.28 -5.40 -11.09
N GLU C 64 24.58 -5.70 -11.09
CA GLU C 64 25.17 -6.58 -10.07
C GLU C 64 25.08 -5.94 -8.70
N HIS C 65 25.46 -4.66 -8.64
CA HIS C 65 25.37 -3.88 -7.41
C HIS C 65 23.93 -3.82 -6.88
N TYR C 66 22.98 -3.55 -7.78
CA TYR C 66 21.55 -3.48 -7.47
C TYR C 66 21.03 -4.79 -6.87
N ASP C 67 21.45 -5.92 -7.43
CA ASP C 67 20.98 -7.22 -6.95
C ASP C 67 21.63 -7.59 -5.63
N ARG C 68 22.92 -7.29 -5.49
CA ARG C 68 23.64 -7.57 -4.25
CA ARG C 68 23.68 -7.54 -4.27
C ARG C 68 23.16 -6.70 -3.10
N ALA C 69 22.91 -5.42 -3.37
CA ALA C 69 22.39 -4.49 -2.38
C ALA C 69 20.89 -4.70 -2.09
N GLY C 70 20.24 -5.55 -2.87
CA GLY C 70 18.81 -5.74 -2.76
C GLY C 70 18.04 -4.45 -3.00
N TYR C 71 18.46 -3.65 -3.97
CA TYR C 71 17.79 -2.38 -4.26
C TYR C 71 16.37 -2.51 -4.81
N ALA C 72 15.99 -3.69 -5.29
CA ALA C 72 14.60 -3.90 -5.69
C ALA C 72 13.64 -3.53 -4.55
N ARG C 73 14.10 -3.76 -3.31
CA ARG C 73 13.30 -3.53 -2.12
C ARG C 73 13.34 -2.07 -1.63
N VAL C 74 14.21 -1.26 -2.25
CA VAL C 74 14.37 0.15 -1.93
C VAL C 74 13.92 1.05 -3.09
N ASP C 75 14.21 0.60 -4.30
CA ASP C 75 13.91 1.32 -5.53
C ASP C 75 12.42 1.67 -5.57
N PRO C 76 12.10 2.98 -5.61
CA PRO C 76 10.70 3.39 -5.61
C PRO C 76 9.93 3.03 -6.90
N THR C 77 10.65 2.74 -7.99
CA THR C 77 9.96 2.33 -9.21
C THR C 77 9.41 0.91 -9.06
N VAL C 78 10.09 0.08 -8.28
CA VAL C 78 9.68 -1.31 -8.05
C VAL C 78 8.43 -1.33 -7.16
N SER C 79 8.48 -0.63 -6.03
CA SER C 79 7.31 -0.54 -5.17
C SER C 79 6.12 0.00 -5.97
N HIS C 80 6.38 0.99 -6.82
CA HIS C 80 5.33 1.57 -7.67
C HIS C 80 4.70 0.50 -8.55
N CYS C 81 5.55 -0.32 -9.17
CA CYS C 81 5.08 -1.40 -10.05
C CYS C 81 4.14 -2.37 -9.33
N THR C 82 4.38 -2.61 -8.05
CA THR C 82 3.51 -3.52 -7.28
C THR C 82 2.14 -2.90 -6.94
N GLN C 83 1.98 -1.60 -7.14
CA GLN C 83 0.77 -0.88 -6.76
C GLN C 83 0.00 -0.24 -7.92
N SER C 84 0.57 -0.22 -9.12
CA SER C 84 0.01 0.56 -10.23
C SER C 84 0.33 -0.04 -11.59
N VAL C 85 -0.52 0.29 -12.57
CA VAL C 85 -0.25 -0.06 -13.97
C VAL C 85 0.18 1.17 -14.78
N LEU C 86 0.30 2.31 -14.10
CA LEU C 86 0.63 3.58 -14.75
C LEU C 86 2.13 3.87 -14.65
N PRO C 87 2.68 4.66 -15.60
CA PRO C 87 4.11 4.97 -15.57
C PRO C 87 4.53 5.69 -14.30
N ILE C 88 5.77 5.46 -13.87
CA ILE C 88 6.41 6.32 -12.89
C ILE C 88 7.67 6.88 -13.55
N PHE C 89 7.69 8.19 -13.69
CA PHE C 89 8.83 8.90 -14.24
C PHE C 89 9.87 9.07 -13.16
N TRP C 90 11.14 9.02 -13.54
CA TRP C 90 12.23 9.08 -12.57
C TRP C 90 12.53 10.51 -12.12
N GLU C 91 11.55 11.13 -11.48
CA GLU C 91 11.72 12.47 -10.94
C GLU C 91 12.46 12.35 -9.61
N PRO C 92 13.41 13.27 -9.31
CA PRO C 92 14.12 13.21 -8.01
C PRO C 92 13.19 13.06 -6.81
N SER C 93 11.98 13.61 -6.91
CA SER C 93 10.99 13.55 -5.84
C SER C 93 10.44 12.14 -5.53
N ILE C 94 10.61 11.16 -6.43
CA ILE C 94 10.18 9.80 -6.11
C ILE C 94 11.14 9.10 -5.12
N TYR C 95 12.31 9.71 -4.93
CA TYR C 95 13.34 9.14 -4.05
C TYR C 95 13.22 9.80 -2.67
N GLN C 96 12.33 9.25 -1.85
CA GLN C 96 11.88 9.93 -0.63
C GLN C 96 12.72 9.64 0.62
N THR C 97 13.01 8.37 0.87
CA THR C 97 13.78 7.99 2.07
C THR C 97 15.26 8.23 1.85
N ARG C 98 16.03 8.25 2.93
CA ARG C 98 17.47 8.44 2.83
C ARG C 98 18.09 7.33 1.99
N LYS C 99 17.60 6.12 2.17
CA LYS C 99 18.08 4.96 1.41
C LYS C 99 17.78 5.15 -0.08
N GLN C 100 16.58 5.63 -0.40
CA GLN C 100 16.21 5.91 -1.79
C GLN C 100 17.02 7.06 -2.35
N HIS C 101 17.36 8.02 -1.49
CA HIS C 101 18.21 9.12 -1.92
C HIS C 101 19.62 8.64 -2.25
N GLU C 102 20.16 7.73 -1.44
CA GLU C 102 21.46 7.12 -1.74
C GLU C 102 21.36 6.35 -3.04
N PHE C 103 20.27 5.60 -3.19
CA PHE C 103 20.00 4.86 -4.40
C PHE C 103 20.00 5.80 -5.62
N PHE C 104 19.28 6.92 -5.49
CA PHE C 104 19.21 7.94 -6.54
C PHE C 104 20.60 8.45 -6.95
N GLU C 105 21.42 8.75 -5.95
CA GLU C 105 22.80 9.20 -6.20
C GLU C 105 23.60 8.15 -7.00
N GLU C 106 23.47 6.90 -6.61
CA GLU C 106 24.20 5.82 -7.26
C GLU C 106 23.67 5.50 -8.66
N ALA C 107 22.35 5.48 -8.82
CA ALA C 107 21.70 5.31 -10.12
C ALA C 107 22.14 6.39 -11.11
N SER C 108 22.16 7.64 -10.63
CA SER C 108 22.63 8.77 -11.44
C SER C 108 24.08 8.58 -11.90
N ALA C 109 24.95 8.15 -11.00
CA ALA C 109 26.34 7.81 -11.34
C ALA C 109 26.41 6.68 -12.39
N ALA C 110 25.44 5.78 -12.38
CA ALA C 110 25.32 4.74 -13.41
C ALA C 110 24.68 5.25 -14.70
N GLY C 111 24.29 6.52 -14.73
CA GLY C 111 23.70 7.15 -15.92
C GLY C 111 22.19 7.04 -16.03
N LEU C 112 21.53 6.66 -14.93
CA LEU C 112 20.09 6.47 -14.92
C LEU C 112 19.43 7.64 -14.20
N VAL C 113 19.67 8.85 -14.73
CA VAL C 113 19.11 10.07 -14.17
C VAL C 113 17.74 10.37 -14.76
N TYR C 114 17.61 10.28 -16.07
CA TYR C 114 16.33 10.50 -16.74
C TYR C 114 15.76 9.20 -17.25
N GLY C 115 14.46 9.02 -17.04
CA GLY C 115 13.77 7.84 -17.52
C GLY C 115 12.42 7.64 -16.89
N LEU C 116 11.84 6.47 -17.15
CA LEU C 116 10.56 6.10 -16.58
C LEU C 116 10.49 4.59 -16.51
N THR C 117 9.55 4.12 -15.69
CA THR C 117 9.30 2.70 -15.55
C THR C 117 7.81 2.45 -15.80
N MSE C 118 7.55 1.53 -16.72
CA MSE C 118 6.20 1.10 -17.04
C MSE C 118 5.99 -0.21 -16.28
O MSE C 118 6.66 -1.21 -16.57
CB MSE C 118 6.06 0.85 -18.54
CG MSE C 118 6.57 1.95 -19.44
SE MSE C 118 5.54 3.56 -19.30
CE MSE C 118 3.77 2.73 -19.36
N PRO C 119 5.07 -0.21 -15.30
CA PRO C 119 4.78 -1.46 -14.61
C PRO C 119 4.24 -2.51 -15.58
N LEU C 120 4.57 -3.78 -15.35
CA LEU C 120 4.07 -4.86 -16.16
C LEU C 120 3.25 -5.79 -15.28
N HIS C 121 2.04 -6.09 -15.71
CA HIS C 121 1.20 -7.04 -15.00
C HIS C 121 0.59 -7.96 -16.03
N GLY C 122 1.12 -9.19 -16.06
CA GLY C 122 0.78 -10.12 -17.12
C GLY C 122 -0.50 -10.87 -16.84
N ALA C 123 -1.02 -11.51 -17.89
CA ALA C 123 -2.30 -12.20 -17.82
C ALA C 123 -2.27 -13.42 -16.89
N ARG C 124 -1.06 -13.91 -16.60
CA ARG C 124 -0.89 -15.05 -15.70
C ARG C 124 -0.26 -14.63 -14.37
N GLY C 125 -0.45 -13.37 -14.02
CA GLY C 125 -0.01 -12.86 -12.73
C GLY C 125 1.43 -12.40 -12.69
N GLU C 126 2.08 -12.35 -13.86
CA GLU C 126 3.47 -11.91 -13.93
C GLU C 126 3.59 -10.47 -13.44
N LEU C 127 4.59 -10.22 -12.60
CA LEU C 127 4.92 -8.89 -12.11
C LEU C 127 6.23 -8.47 -12.76
N GLY C 128 6.24 -7.28 -13.33
CA GLY C 128 7.41 -6.79 -14.02
C GLY C 128 7.54 -5.29 -14.13
N ALA C 129 8.63 -4.90 -14.79
CA ALA C 129 8.93 -3.52 -15.09
C ALA C 129 9.56 -3.44 -16.46
N LEU C 130 9.15 -2.46 -17.24
CA LEU C 130 9.94 -2.05 -18.39
C LEU C 130 10.42 -0.64 -18.10
N SER C 131 11.73 -0.54 -17.81
CA SER C 131 12.35 0.73 -17.50
C SER C 131 13.16 1.17 -18.69
N LEU C 132 13.10 2.46 -18.98
CA LEU C 132 13.87 3.02 -20.08
C LEU C 132 14.48 4.34 -19.64
N SER C 133 15.77 4.50 -19.94
CA SER C 133 16.48 5.73 -19.61
C SER C 133 16.65 6.60 -20.83
N VAL C 134 16.82 7.89 -20.58
CA VAL C 134 16.88 8.89 -21.61
C VAL C 134 18.18 9.67 -21.45
N GLU C 135 18.92 9.84 -22.55
CA GLU C 135 20.03 10.79 -22.58
C GLU C 135 19.49 12.16 -22.99
N ALA C 136 19.69 13.15 -22.14
CA ALA C 136 19.27 14.51 -22.43
C ALA C 136 20.19 15.52 -21.72
N GLU C 137 20.18 16.76 -22.21
CA GLU C 137 20.99 17.82 -21.61
CA GLU C 137 20.98 17.83 -21.60
C GLU C 137 20.39 18.23 -20.26
N ASN C 138 19.07 18.05 -20.12
CA ASN C 138 18.37 18.44 -18.91
C ASN C 138 17.05 17.68 -18.78
N ARG C 139 16.49 17.68 -17.57
CA ARG C 139 15.26 16.94 -17.29
C ARG C 139 14.09 17.44 -18.15
N ALA C 140 14.04 18.75 -18.38
CA ALA C 140 12.98 19.34 -19.19
C ALA C 140 12.99 18.75 -20.60
N GLU C 141 14.18 18.60 -21.18
CA GLU C 141 14.34 17.98 -22.50
C GLU C 141 13.96 16.50 -22.48
N ALA C 142 14.34 15.81 -21.41
CA ALA C 142 14.02 14.39 -21.28
C ALA C 142 12.51 14.19 -21.21
N ASN C 143 11.83 15.03 -20.42
CA ASN C 143 10.38 14.97 -20.25
C ASN C 143 9.63 15.27 -21.54
N ARG C 144 10.08 16.28 -22.28
CA ARG C 144 9.54 16.59 -23.61
C ARG C 144 9.63 15.38 -24.51
N PHE C 145 10.84 14.82 -24.62
CA PHE C 145 11.03 13.60 -25.41
C PHE C 145 10.07 12.48 -24.99
N MSE C 146 10.05 12.19 -23.70
CA MSE C 146 9.25 11.09 -23.17
C MSE C 146 7.76 11.28 -23.44
O MSE C 146 7.06 10.32 -23.79
CB MSE C 146 9.51 10.91 -21.67
CG MSE C 146 10.87 10.28 -21.40
SE MSE C 146 11.15 9.78 -19.55
CE MSE C 146 11.50 11.55 -18.79
N GLU C 147 7.26 12.50 -23.27
CA GLU C 147 5.89 12.83 -23.65
C GLU C 147 5.61 12.54 -25.14
N SER C 148 6.56 12.89 -26.01
CA SER C 148 6.39 12.75 -27.46
C SER C 148 6.29 11.29 -27.89
N VAL C 149 6.89 10.38 -27.12
CA VAL C 149 6.89 8.95 -27.46
C VAL C 149 6.05 8.12 -26.49
N LEU C 150 5.39 8.76 -25.53
CA LEU C 150 4.65 8.01 -24.51
C LEU C 150 3.58 7.05 -25.07
N PRO C 151 2.78 7.49 -26.05
CA PRO C 151 1.78 6.58 -26.62
C PRO C 151 2.38 5.32 -27.24
N THR C 152 3.48 5.47 -27.96
CA THR C 152 4.16 4.33 -28.56
C THR C 152 4.72 3.41 -27.46
N LEU C 153 5.39 4.00 -26.47
CA LEU C 153 5.95 3.24 -25.34
C LEU C 153 4.86 2.49 -24.57
N TRP C 154 3.71 3.12 -24.41
CA TRP C 154 2.60 2.53 -23.66
C TRP C 154 2.07 1.25 -24.33
N MSE C 155 2.04 1.24 -25.66
CA MSE C 155 1.68 0.03 -26.40
C MSE C 155 2.86 -0.94 -26.34
O MSE C 155 2.68 -2.13 -26.06
CB MSE C 155 1.34 0.35 -27.85
CG MSE C 155 0.21 1.33 -27.98
SE MSE C 155 -0.44 1.48 -29.80
CE MSE C 155 1.01 2.62 -30.48
N LEU C 156 4.08 -0.42 -26.54
CA LEU C 156 5.30 -1.24 -26.52
C LEU C 156 5.42 -2.09 -25.27
N LYS C 157 5.22 -1.46 -24.12
CA LYS C 157 5.37 -2.18 -22.84
C LYS C 157 4.46 -3.44 -22.76
N ASP C 158 3.26 -3.37 -23.33
CA ASP C 158 2.35 -4.51 -23.30
C ASP C 158 2.73 -5.57 -24.34
N TYR C 159 3.18 -5.14 -25.53
CA TYR C 159 3.76 -6.06 -26.50
C TYR C 159 4.97 -6.80 -25.91
N ALA C 160 5.86 -6.03 -25.28
CA ALA C 160 7.01 -6.59 -24.60
C ALA C 160 6.62 -7.60 -23.51
N LEU C 161 5.63 -7.23 -22.71
CA LEU C 161 5.15 -8.09 -21.64
C LEU C 161 4.62 -9.40 -22.21
N GLN C 162 3.77 -9.29 -23.22
CA GLN C 162 3.07 -10.47 -23.73
C GLN C 162 4.09 -11.45 -24.31
N SER C 163 5.02 -10.93 -25.11
CA SER C 163 6.09 -11.74 -25.68
C SER C 163 7.04 -12.25 -24.60
N GLY C 164 7.52 -11.34 -23.77
CA GLY C 164 8.53 -11.65 -22.76
C GLY C 164 8.08 -12.68 -21.74
N ALA C 165 6.82 -12.60 -21.34
CA ALA C 165 6.21 -13.55 -20.39
C ALA C 165 6.37 -15.00 -20.85
N GLY C 166 6.18 -15.22 -22.15
CA GLY C 166 6.37 -16.53 -22.76
C GLY C 166 7.82 -16.99 -22.73
N LEU C 167 8.74 -16.06 -22.99
CA LEU C 167 10.17 -16.35 -22.97
C LEU C 167 10.66 -16.60 -21.54
N ALA C 168 10.18 -15.77 -20.62
CA ALA C 168 10.63 -15.85 -19.23
C ALA C 168 10.16 -17.16 -18.62
N PHE C 169 8.91 -17.54 -18.90
CA PHE C 169 8.24 -18.61 -18.16
C PHE C 169 7.50 -19.53 -19.11
N ALA D 4 -4.78 14.32 7.57
CA ALA D 4 -4.12 15.18 8.58
C ALA D 4 -4.46 14.66 9.97
N LEU D 5 -3.83 13.55 10.33
CA LEU D 5 -4.05 12.93 11.64
C LEU D 5 -3.66 13.88 12.75
N VAL D 6 -2.55 14.59 12.54
CA VAL D 6 -2.08 15.58 13.50
C VAL D 6 -3.12 16.68 13.70
N ASP D 7 -3.74 17.11 12.61
CA ASP D 7 -4.77 18.14 12.68
C ASP D 7 -5.99 17.57 13.43
N GLY D 8 -6.32 16.30 13.15
CA GLY D 8 -7.39 15.61 13.86
C GLY D 8 -7.10 15.45 15.35
N PHE D 9 -5.86 15.11 15.67
CA PHE D 9 -5.41 15.03 17.06
C PHE D 9 -5.65 16.36 17.76
N LEU D 10 -5.21 17.45 17.13
CA LEU D 10 -5.35 18.78 17.72
C LEU D 10 -6.83 19.13 17.90
N GLU D 11 -7.68 18.71 16.97
CA GLU D 11 -9.13 18.91 17.09
C GLU D 11 -9.65 18.16 18.32
N LEU D 12 -9.25 16.89 18.43
CA LEU D 12 -9.59 16.07 19.59
C LEU D 12 -9.13 16.73 20.87
N GLU D 13 -7.88 17.20 20.88
CA GLU D 13 -7.32 17.86 22.06
C GLU D 13 -8.06 19.13 22.44
N ARG D 14 -8.57 19.88 21.46
CA ARG D 14 -9.25 21.15 21.67
CA ARG D 14 -9.25 21.14 21.72
C ARG D 14 -10.75 20.99 21.89
N SER D 15 -11.27 19.79 21.63
CA SER D 15 -12.72 19.56 21.72
C SER D 15 -13.22 19.84 23.14
N SER D 16 -14.46 20.29 23.24
CA SER D 16 -14.99 20.84 24.50
C SER D 16 -15.49 19.76 25.46
N GLY D 17 -15.63 18.54 24.96
CA GLY D 17 -16.12 17.43 25.75
C GLY D 17 -16.29 16.15 24.94
N LYS D 18 -16.95 15.17 25.55
CA LYS D 18 -17.10 13.86 24.96
C LYS D 18 -17.89 13.87 23.64
N LEU D 19 -18.98 14.62 23.61
CA LEU D 19 -19.81 14.71 22.41
C LEU D 19 -18.96 15.12 21.22
N GLU D 20 -18.25 16.24 21.36
CA GLU D 20 -17.40 16.72 20.28
C GLU D 20 -16.27 15.73 19.95
N TRP D 21 -15.59 15.25 20.98
CA TRP D 21 -14.48 14.33 20.81
C TRP D 21 -14.95 13.10 20.02
N SER D 22 -16.10 12.55 20.42
CA SER D 22 -16.67 11.37 19.76
CA SER D 22 -16.69 11.38 19.76
C SER D 22 -16.99 11.66 18.29
N ALA D 23 -17.58 12.83 18.02
CA ALA D 23 -17.95 13.20 16.66
C ALA D 23 -16.71 13.28 15.78
N ILE D 24 -15.66 13.90 16.32
CA ILE D 24 -14.41 14.05 15.59
C ILE D 24 -13.83 12.67 15.25
N LEU D 25 -13.70 11.81 16.26
CA LEU D 25 -13.14 10.48 16.05
C LEU D 25 -13.97 9.63 15.09
N GLN D 26 -15.30 9.67 15.25
CA GLN D 26 -16.19 8.94 14.34
C GLN D 26 -16.03 9.42 12.90
N LYS D 27 -15.91 10.74 12.72
CA LYS D 27 -15.67 11.33 11.40
C LYS D 27 -14.39 10.84 10.78
N MSE D 28 -13.32 10.82 11.58
CA MSE D 28 -12.01 10.35 11.10
C MSE D 28 -12.10 8.88 10.67
O MSE D 28 -11.60 8.53 9.60
CB MSE D 28 -10.94 10.53 12.17
CG MSE D 28 -10.69 11.98 12.54
SE MSE D 28 -9.40 12.19 13.98
CE MSE D 28 -7.84 12.08 12.85
N ALA D 29 -12.77 8.07 11.49
CA ALA D 29 -12.97 6.65 11.19
C ALA D 29 -13.87 6.47 9.97
N SER D 30 -14.91 7.29 9.86
CA SER D 30 -15.81 7.27 8.71
C SER D 30 -15.05 7.63 7.44
N ASP D 31 -14.30 8.73 7.49
CA ASP D 31 -13.52 9.19 6.35
C ASP D 31 -12.53 8.14 5.89
N LEU D 32 -11.99 7.41 6.85
CA LEU D 32 -11.07 6.33 6.57
C LEU D 32 -11.78 5.12 5.95
N GLY D 33 -13.10 5.03 6.11
CA GLY D 33 -13.93 4.00 5.48
C GLY D 33 -14.65 3.03 6.43
N PHE D 34 -14.54 3.27 7.74
CA PHE D 34 -15.17 2.42 8.77
C PHE D 34 -16.46 3.04 9.27
N SER D 35 -17.55 2.26 9.31
CA SER D 35 -18.86 2.83 9.63
C SER D 35 -19.19 2.79 11.13
N LYS D 36 -18.59 1.85 11.85
CA LYS D 36 -18.82 1.76 13.30
C LYS D 36 -17.52 1.68 14.05
N ILE D 37 -17.47 2.37 15.17
CA ILE D 37 -16.26 2.53 15.95
C ILE D 37 -16.61 2.44 17.42
N LEU D 38 -15.74 1.80 18.17
CA LEU D 38 -15.77 1.85 19.61
C LEU D 38 -14.36 2.21 20.08
N PHE D 39 -14.31 3.22 20.95
CA PHE D 39 -13.12 3.57 21.69
C PHE D 39 -13.44 3.31 23.16
N GLY D 40 -12.72 2.37 23.75
CA GLY D 40 -12.95 2.01 25.14
C GLY D 40 -11.67 2.19 25.91
N LEU D 41 -11.77 2.71 27.13
CA LEU D 41 -10.61 2.99 27.93
C LEU D 41 -10.87 2.80 29.41
N LEU D 42 -9.94 2.10 30.06
CA LEU D 42 -9.95 1.93 31.51
C LEU D 42 -8.71 2.58 32.10
N PRO D 43 -8.79 3.03 33.37
CA PRO D 43 -7.61 3.56 34.04
C PRO D 43 -6.70 2.44 34.49
N LYS D 44 -5.47 2.77 34.89
CA LYS D 44 -4.46 1.77 35.23
C LYS D 44 -4.98 0.78 36.28
N ASP D 45 -4.68 -0.50 36.06
CA ASP D 45 -4.97 -1.58 37.01
C ASP D 45 -6.45 -1.96 37.11
N SER D 46 -7.31 -1.32 36.33
CA SER D 46 -8.73 -1.66 36.33
C SER D 46 -9.05 -2.70 35.26
N GLN D 47 -9.92 -3.64 35.62
CA GLN D 47 -10.57 -4.51 34.65
C GLN D 47 -12.09 -4.38 34.85
N ASP D 48 -12.52 -3.17 35.21
CA ASP D 48 -13.95 -2.88 35.36
C ASP D 48 -14.53 -2.58 33.98
N TYR D 49 -14.50 -3.60 33.12
CA TYR D 49 -14.88 -3.47 31.71
C TYR D 49 -16.30 -2.93 31.53
N GLU D 50 -17.20 -3.27 32.45
CA GLU D 50 -18.60 -2.88 32.34
C GLU D 50 -18.82 -1.41 32.73
N ASN D 51 -17.80 -0.76 33.31
CA ASN D 51 -17.87 0.68 33.61
C ASN D 51 -16.72 1.48 32.99
N ALA D 52 -16.22 1.02 31.84
CA ALA D 52 -15.16 1.70 31.11
C ALA D 52 -15.67 3.00 30.50
N PHE D 53 -14.73 3.84 30.11
CA PHE D 53 -15.03 5.03 29.31
C PHE D 53 -15.21 4.55 27.87
N ILE D 54 -16.41 4.72 27.32
CA ILE D 54 -16.68 4.20 25.99
C ILE D 54 -17.21 5.31 25.09
N VAL D 55 -16.61 5.38 23.90
CA VAL D 55 -17.00 6.36 22.90
C VAL D 55 -17.31 5.63 21.61
N GLY D 56 -18.25 6.17 20.84
CA GLY D 56 -18.48 5.68 19.50
C GLY D 56 -19.93 5.45 19.16
N ASN D 57 -20.14 4.71 18.08
CA ASN D 57 -21.44 4.59 17.47
C ASN D 57 -21.87 3.15 17.20
N TYR D 58 -21.34 2.20 17.99
CA TYR D 58 -21.96 0.88 18.10
C TYR D 58 -23.43 1.09 18.48
N PRO D 59 -24.35 0.29 17.90
CA PRO D 59 -25.77 0.35 18.27
C PRO D 59 -25.94 0.34 19.78
N ALA D 60 -26.69 1.30 20.30
CA ALA D 60 -26.88 1.45 21.74
C ALA D 60 -27.40 0.16 22.38
N ALA D 61 -28.30 -0.52 21.68
CA ALA D 61 -28.87 -1.79 22.14
C ALA D 61 -27.79 -2.86 22.29
N TRP D 62 -26.83 -2.86 21.36
CA TRP D 62 -25.70 -3.79 21.45
C TRP D 62 -24.80 -3.46 22.64
N ARG D 63 -24.35 -2.21 22.72
CA ARG D 63 -23.57 -1.73 23.87
C ARG D 63 -24.20 -2.06 25.22
N GLU D 64 -25.50 -1.85 25.33
CA GLU D 64 -26.21 -2.14 26.59
C GLU D 64 -26.18 -3.63 26.93
N HIS D 65 -26.52 -4.46 25.96
CA HIS D 65 -26.46 -5.91 26.08
C HIS D 65 -25.06 -6.39 26.49
N TYR D 66 -24.07 -5.94 25.72
CA TYR D 66 -22.68 -6.29 25.93
C TYR D 66 -22.29 -6.05 27.39
N ASP D 67 -22.60 -4.87 27.89
CA ASP D 67 -22.23 -4.52 29.26
C ASP D 67 -23.02 -5.33 30.27
N ARG D 68 -24.32 -5.45 30.04
CA ARG D 68 -25.17 -6.19 30.98
CA ARG D 68 -25.24 -6.22 30.91
C ARG D 68 -24.84 -7.69 30.98
N ALA D 69 -24.43 -8.24 29.84
CA ALA D 69 -24.08 -9.65 29.72
C ALA D 69 -22.63 -9.93 30.13
N GLY D 70 -21.88 -8.87 30.48
CA GLY D 70 -20.46 -9.00 30.82
C GLY D 70 -19.64 -9.58 29.68
N TYR D 71 -19.95 -9.18 28.45
CA TYR D 71 -19.29 -9.74 27.27
C TYR D 71 -17.82 -9.35 27.16
N ALA D 72 -17.40 -8.30 27.85
CA ALA D 72 -15.99 -7.96 27.93
C ALA D 72 -15.14 -9.15 28.36
N ARG D 73 -15.72 -10.01 29.19
CA ARG D 73 -15.01 -11.17 29.74
C ARG D 73 -15.06 -12.41 28.86
N VAL D 74 -15.79 -12.31 27.75
CA VAL D 74 -15.93 -13.38 26.77
C VAL D 74 -15.35 -12.95 25.42
N ASP D 75 -15.63 -11.71 25.04
CA ASP D 75 -15.09 -11.08 23.82
C ASP D 75 -13.56 -11.33 23.66
N PRO D 76 -13.16 -12.09 22.61
CA PRO D 76 -11.74 -12.41 22.41
C PRO D 76 -10.89 -11.19 22.04
N THR D 77 -11.51 -10.15 21.50
CA THR D 77 -10.79 -8.91 21.20
C THR D 77 -10.35 -8.24 22.50
N VAL D 78 -11.15 -8.35 23.54
CA VAL D 78 -10.82 -7.73 24.82
C VAL D 78 -9.65 -8.47 25.48
N SER D 79 -9.73 -9.80 25.56
CA SER D 79 -8.62 -10.57 26.12
C SER D 79 -7.34 -10.32 25.32
N HIS D 80 -7.46 -10.26 23.99
CA HIS D 80 -6.33 -9.89 23.15
C HIS D 80 -5.70 -8.57 23.56
N CYS D 81 -6.52 -7.55 23.78
CA CYS D 81 -6.03 -6.24 24.19
C CYS D 81 -5.19 -6.26 25.47
N THR D 82 -5.57 -7.11 26.43
CA THR D 82 -4.80 -7.28 27.67
C THR D 82 -3.39 -7.89 27.45
N GLN D 83 -3.20 -8.57 26.32
CA GLN D 83 -1.98 -9.35 26.07
C GLN D 83 -1.06 -8.75 25.01
N SER D 84 -1.54 -7.77 24.25
CA SER D 84 -0.80 -7.33 23.07
C SER D 84 -1.06 -5.88 22.69
N VAL D 85 -0.10 -5.32 21.94
CA VAL D 85 -0.26 -4.01 21.32
C VAL D 85 -0.60 -4.10 19.83
N LEU D 86 -0.68 -5.32 19.29
CA LEU D 86 -0.94 -5.51 17.88
C LEU D 86 -2.42 -5.70 17.63
N PRO D 87 -2.88 -5.38 16.42
CA PRO D 87 -4.31 -5.53 16.10
C PRO D 87 -4.76 -6.97 16.07
N ILE D 88 -6.04 -7.20 16.38
CA ILE D 88 -6.69 -8.48 16.17
C ILE D 88 -7.81 -8.24 15.18
N PHE D 89 -7.79 -8.99 14.09
CA PHE D 89 -8.82 -8.86 13.07
C PHE D 89 -9.97 -9.77 13.43
N TRP D 90 -11.18 -9.32 13.15
CA TRP D 90 -12.38 -10.09 13.50
C TRP D 90 -12.59 -11.20 12.50
N GLU D 91 -12.03 -12.37 12.82
CA GLU D 91 -12.08 -13.54 11.96
C GLU D 91 -12.74 -14.67 12.75
N PRO D 92 -13.42 -15.62 12.07
CA PRO D 92 -14.03 -16.76 12.76
C PRO D 92 -13.11 -17.43 13.79
N SER D 93 -11.82 -17.56 13.46
CA SER D 93 -10.84 -18.27 14.29
C SER D 93 -10.67 -17.70 15.72
N ILE D 94 -10.95 -16.42 15.92
CA ILE D 94 -10.75 -15.80 17.24
C ILE D 94 -11.84 -16.19 18.24
N TYR D 95 -12.95 -16.71 17.74
CA TYR D 95 -14.06 -17.14 18.58
C TYR D 95 -13.97 -18.65 18.79
N GLN D 96 -13.49 -19.05 19.96
CA GLN D 96 -13.11 -20.44 20.19
C GLN D 96 -13.99 -21.21 21.16
N THR D 97 -14.44 -20.57 22.23
CA THR D 97 -15.29 -21.22 23.21
C THR D 97 -16.74 -21.22 22.74
N ARG D 98 -17.56 -22.01 23.41
CA ARG D 98 -18.99 -22.06 23.12
C ARG D 98 -19.61 -20.69 23.34
N LYS D 99 -19.29 -20.05 24.47
CA LYS D 99 -19.75 -18.69 24.75
C LYS D 99 -19.31 -17.70 23.67
N GLN D 100 -18.06 -17.84 23.21
CA GLN D 100 -17.52 -16.95 22.18
C GLN D 100 -18.27 -17.11 20.86
N HIS D 101 -18.63 -18.35 20.52
CA HIS D 101 -19.44 -18.58 19.34
C HIS D 101 -20.79 -17.86 19.48
N GLU D 102 -21.46 -18.02 20.62
CA GLU D 102 -22.71 -17.32 20.90
C GLU D 102 -22.53 -15.80 20.81
N PHE D 103 -21.49 -15.30 21.45
CA PHE D 103 -21.12 -13.88 21.38
C PHE D 103 -21.00 -13.42 19.92
N PHE D 104 -20.26 -14.19 19.14
CA PHE D 104 -20.06 -13.87 17.74
C PHE D 104 -21.38 -13.70 16.99
N GLU D 105 -22.29 -14.64 17.17
CA GLU D 105 -23.57 -14.62 16.46
C GLU D 105 -24.40 -13.39 16.84
N GLU D 106 -24.30 -12.99 18.10
CA GLU D 106 -24.99 -11.79 18.56
C GLU D 106 -24.34 -10.52 18.02
N ALA D 107 -23.01 -10.48 18.05
CA ALA D 107 -22.25 -9.33 17.54
C ALA D 107 -22.52 -9.14 16.05
N SER D 108 -22.51 -10.25 15.32
CA SER D 108 -22.83 -10.26 13.88
C SER D 108 -24.20 -9.66 13.60
N ALA D 109 -25.19 -10.07 14.39
CA ALA D 109 -26.55 -9.54 14.27
C ALA D 109 -26.58 -8.02 14.42
N ALA D 110 -25.66 -7.49 15.22
CA ALA D 110 -25.53 -6.05 15.43
C ALA D 110 -24.68 -5.37 14.35
N GLY D 111 -24.33 -6.11 13.30
CA GLY D 111 -23.57 -5.57 12.16
C GLY D 111 -22.07 -5.61 12.33
N LEU D 112 -21.58 -6.31 13.36
CA LEU D 112 -20.15 -6.34 13.66
C LEU D 112 -19.46 -7.61 13.16
N VAL D 113 -19.43 -7.77 11.84
CA VAL D 113 -18.90 -8.97 11.20
C VAL D 113 -17.46 -8.76 10.74
N TYR D 114 -17.20 -7.67 10.02
CA TYR D 114 -15.85 -7.37 9.57
C TYR D 114 -15.31 -6.20 10.38
N GLY D 115 -14.07 -6.32 10.82
CA GLY D 115 -13.43 -5.22 11.52
C GLY D 115 -12.15 -5.65 12.19
N LEU D 116 -11.64 -4.77 13.03
CA LEU D 116 -10.46 -5.07 13.83
C LEU D 116 -10.50 -4.31 15.13
N THR D 117 -9.66 -4.74 16.05
CA THR D 117 -9.52 -4.08 17.33
C THR D 117 -8.05 -3.79 17.56
N MSE D 118 -7.77 -2.52 17.81
CA MSE D 118 -6.43 -2.04 18.06
C MSE D 118 -6.32 -1.90 19.58
O MSE D 118 -7.03 -1.08 20.16
CB MSE D 118 -6.22 -0.68 17.38
CG MSE D 118 -6.40 -0.70 15.86
SE MSE D 118 -5.01 -1.68 14.98
CE MSE D 118 -3.57 -1.30 16.25
N PRO D 119 -5.49 -2.73 20.22
CA PRO D 119 -5.32 -2.54 21.64
C PRO D 119 -4.70 -1.19 21.96
N LEU D 120 -5.10 -0.62 23.09
CA LEU D 120 -4.59 0.66 23.54
C LEU D 120 -3.90 0.48 24.89
N HIS D 121 -2.67 0.95 24.96
CA HIS D 121 -1.93 0.92 26.22
C HIS D 121 -1.27 2.28 26.43
N GLY D 122 -1.88 3.08 27.31
CA GLY D 122 -1.44 4.45 27.52
C GLY D 122 -0.23 4.62 28.40
N ALA D 123 0.33 5.82 28.35
CA ALA D 123 1.53 6.14 29.09
C ALA D 123 1.33 6.07 30.61
N ARG D 124 0.08 6.16 31.07
CA ARG D 124 -0.21 6.11 32.50
C ARG D 124 -0.87 4.79 32.88
N GLY D 125 -0.60 3.74 32.12
CA GLY D 125 -1.16 2.42 32.37
C GLY D 125 -2.59 2.23 31.90
N GLU D 126 -3.13 3.18 31.15
CA GLU D 126 -4.48 3.03 30.61
C GLU D 126 -4.57 1.79 29.72
N LEU D 127 -5.66 1.04 29.88
CA LEU D 127 -5.97 -0.13 29.06
C LEU D 127 -7.21 0.19 28.22
N GLY D 128 -7.09 -0.03 26.91
CA GLY D 128 -8.18 0.27 26.02
C GLY D 128 -8.26 -0.54 24.74
N ALA D 129 -9.25 -0.17 23.94
CA ALA D 129 -9.48 -0.76 22.63
C ALA D 129 -10.01 0.31 21.70
N LEU D 130 -9.45 0.36 20.49
CA LEU D 130 -10.13 1.07 19.39
C LEU D 130 -10.53 0.02 18.38
N SER D 131 -11.84 -0.19 18.31
CA SER D 131 -12.45 -1.16 17.41
C SER D 131 -13.11 -0.40 16.26
N LEU D 132 -12.97 -0.95 15.06
CA LEU D 132 -13.54 -0.33 13.90
C LEU D 132 -14.11 -1.42 13.03
N SER D 133 -15.37 -1.26 12.65
CA SER D 133 -16.01 -2.23 11.79
CA SER D 133 -16.04 -2.23 11.80
C SER D 133 -16.16 -1.68 10.38
N VAL D 134 -16.06 -2.57 9.40
CA VAL D 134 -16.23 -2.18 8.02
C VAL D 134 -17.42 -2.93 7.45
N GLU D 135 -18.21 -2.21 6.66
CA GLU D 135 -19.27 -2.82 5.89
C GLU D 135 -18.67 -3.27 4.58
N ALA D 136 -18.76 -4.57 4.31
CA ALA D 136 -18.24 -5.16 3.09
C ALA D 136 -19.20 -6.21 2.56
N GLU D 137 -19.11 -6.46 1.26
CA GLU D 137 -19.89 -7.50 0.59
C GLU D 137 -19.38 -8.89 0.97
N ASN D 138 -18.08 -8.99 1.27
CA ASN D 138 -17.44 -10.25 1.65
C ASN D 138 -16.13 -10.03 2.42
N ARG D 139 -15.59 -11.10 2.98
CA ARG D 139 -14.40 -11.03 3.81
C ARG D 139 -13.16 -10.52 3.05
N ALA D 140 -12.99 -10.98 1.82
CA ALA D 140 -11.86 -10.54 0.97
C ALA D 140 -11.91 -9.04 0.73
N GLU D 141 -13.08 -8.53 0.39
CA GLU D 141 -13.31 -7.09 0.21
C GLU D 141 -12.94 -6.33 1.49
N ALA D 142 -13.47 -6.79 2.63
CA ALA D 142 -13.16 -6.19 3.93
C ALA D 142 -11.64 -6.11 4.15
N ASN D 143 -10.97 -7.24 3.91
CA ASN D 143 -9.52 -7.32 4.12
C ASN D 143 -8.74 -6.35 3.24
N ARG D 144 -9.09 -6.29 1.95
CA ARG D 144 -8.45 -5.35 1.02
C ARG D 144 -8.54 -3.93 1.55
N PHE D 145 -9.74 -3.54 1.98
CA PHE D 145 -9.91 -2.19 2.47
C PHE D 145 -9.08 -1.95 3.73
N MSE D 146 -9.18 -2.86 4.69
CA MSE D 146 -8.47 -2.69 5.96
C MSE D 146 -6.97 -2.57 5.75
O MSE D 146 -6.31 -1.74 6.37
CB MSE D 146 -8.82 -3.80 6.95
CG MSE D 146 -10.22 -3.64 7.54
SE MSE D 146 -10.64 -4.86 8.98
CE MSE D 146 -11.04 -6.45 7.91
N GLU D 147 -6.42 -3.39 4.84
CA GLU D 147 -4.99 -3.31 4.55
C GLU D 147 -4.63 -1.98 3.89
N SER D 148 -5.52 -1.45 3.07
CA SER D 148 -5.28 -0.18 2.35
C SER D 148 -5.16 1.00 3.31
N VAL D 149 -5.83 0.93 4.47
CA VAL D 149 -5.84 2.02 5.46
C VAL D 149 -5.13 1.65 6.77
N LEU D 150 -4.55 0.46 6.86
CA LEU D 150 -3.97 0.00 8.14
C LEU D 150 -2.88 0.93 8.69
N PRO D 151 -1.93 1.36 7.84
CA PRO D 151 -0.92 2.30 8.35
C PRO D 151 -1.49 3.59 8.95
N THR D 152 -2.50 4.17 8.30
CA THR D 152 -3.14 5.36 8.83
C THR D 152 -3.86 5.07 10.15
N LEU D 153 -4.57 3.94 10.21
CA LEU D 153 -5.29 3.54 11.42
C LEU D 153 -4.31 3.31 12.56
N TRP D 154 -3.15 2.75 12.23
CA TRP D 154 -2.15 2.43 13.24
C TRP D 154 -1.61 3.67 13.93
N MSE D 155 -1.43 4.76 13.20
CA MSE D 155 -1.08 6.04 13.82
C MSE D 155 -2.30 6.62 14.56
O MSE D 155 -2.19 7.04 15.69
CB MSE D 155 -0.59 7.01 12.75
CG MSE D 155 0.57 6.46 11.92
SE MSE D 155 1.35 7.83 10.81
CE MSE D 155 0.06 7.69 9.35
N LEU D 156 -3.45 6.61 13.89
CA LEU D 156 -4.70 7.12 14.47
C LEU D 156 -4.98 6.58 15.88
N LYS D 157 -4.83 5.27 16.05
CA LYS D 157 -5.15 4.65 17.33
C LYS D 157 -4.33 5.26 18.48
N ASP D 158 -3.08 5.60 18.21
CA ASP D 158 -2.23 6.24 19.23
C ASP D 158 -2.60 7.71 19.46
N TYR D 159 -2.94 8.44 18.40
CA TYR D 159 -3.51 9.76 18.56
C TYR D 159 -4.81 9.72 19.39
N ALA D 160 -5.70 8.79 19.06
CA ALA D 160 -6.94 8.63 19.81
C ALA D 160 -6.69 8.30 21.28
N LEU D 161 -5.77 7.37 21.52
CA LEU D 161 -5.40 6.99 22.88
C LEU D 161 -4.85 8.20 23.65
N GLN D 162 -3.88 8.89 23.06
CA GLN D 162 -3.23 9.98 23.78
C GLN D 162 -4.27 11.04 24.15
N SER D 163 -5.12 11.42 23.21
CA SER D 163 -6.13 12.44 23.47
C SER D 163 -7.24 11.87 24.36
N GLY D 164 -7.67 10.66 24.04
CA GLY D 164 -8.73 9.96 24.77
C GLY D 164 -8.44 9.81 26.25
N ALA D 165 -7.19 9.49 26.58
CA ALA D 165 -6.79 9.35 27.98
C ALA D 165 -6.99 10.65 28.79
N GLY D 166 -6.72 11.79 28.17
CA GLY D 166 -6.95 13.10 28.80
C GLY D 166 -8.42 13.47 28.96
N LEU D 167 -9.28 12.88 28.13
CA LEU D 167 -10.71 13.10 28.18
C LEU D 167 -11.35 12.13 29.18
N ALA D 168 -10.88 10.89 29.16
CA ALA D 168 -11.40 9.86 30.04
C ALA D 168 -11.11 10.19 31.50
N PHE D 169 -9.89 10.62 31.81
CA PHE D 169 -9.45 10.65 33.22
C PHE D 169 -8.94 12.00 33.70
N GLU D 170 -7.78 12.43 33.22
CA GLU D 170 -7.25 13.74 33.58
C GLU D 170 -8.12 14.84 32.99
C21 OHN E . -12.25 -10.63 -18.27
C20 OHN E . -13.28 -10.78 -17.14
C19 OHN E . -14.05 -9.48 -16.96
C18 OHN E . -15.16 -9.59 -15.91
C17 OHN E . -16.43 -10.16 -16.51
C16 OHN E . -17.05 -9.17 -17.49
C15 OHN E . -18.14 -9.85 -18.30
C14 OHN E . -18.53 -8.99 -19.50
C13 OHN E . -17.39 -8.94 -20.51
C11 OHN E . -17.86 -8.50 -21.89
O12 OHN E . -19.04 -8.19 -22.10
C10 OHN E . -16.83 -8.48 -23.02
C8 OHN E . -17.41 -7.73 -24.23
O9 OHN E . -17.40 -6.51 -24.28
N7 OHN E . -17.91 -8.51 -25.18
C1 OHN E . -18.50 -7.96 -26.40
C5 OHN E . -18.04 -8.75 -27.62
C4 OHN E . -19.24 -8.57 -28.53
C2 OHN E . -20.00 -8.23 -26.43
O6 OHN E . -20.72 -8.22 -25.43
OAP OHN E . -20.43 -8.47 -27.69
C21 OHN F . 11.68 5.35 28.19
C20 OHN F . 12.69 4.54 29.02
C19 OHN F . 13.45 3.54 28.14
C18 OHN F . 14.41 2.65 28.94
C17 OHN F . 15.78 3.29 29.13
C16 OHN F . 16.27 3.91 27.83
C15 OHN F . 17.55 4.72 28.04
C14 OHN F . 18.04 5.30 26.72
C13 OHN F . 17.05 6.30 26.14
C11 OHN F . 17.60 7.01 24.90
O12 OHN F . 18.74 6.77 24.51
C10 OHN F . 16.69 7.98 24.17
C8 OHN F . 17.39 8.52 22.91
O9 OHN F . 17.45 7.86 21.89
N7 OHN F . 17.91 9.74 23.05
C1 OHN F . 18.59 10.42 21.94
C5 OHN F . 18.19 11.88 21.90
C4 OHN F . 19.42 12.49 21.25
C2 OHN F . 20.08 10.54 22.24
O6 OHN F . 20.74 9.67 22.83
OAP OHN F . 20.56 11.71 21.77
C21 OHN G . 8.61 -5.06 -10.53
C20 OHN G . 9.58 -6.22 -10.27
C19 OHN G . 10.44 -6.50 -11.51
C18 OHN G . 11.36 -7.71 -11.33
C17 OHN G . 12.67 -7.31 -10.67
C16 OHN G . 13.52 -6.41 -11.59
C15 OHN G . 14.62 -5.71 -10.80
C14 OHN G . 15.11 -4.47 -11.51
C13 OHN G . 14.19 -3.28 -11.27
C11 OHN G . 14.79 -1.97 -11.77
O12 OHN G . 15.98 -1.89 -12.10
C10 OHN G . 13.87 -0.75 -11.86
C8 OHN G . 14.61 0.43 -12.50
O9 OHN G . 14.65 0.57 -13.72
N7 OHN G . 15.16 1.30 -11.66
C1 OHN G . 15.88 2.47 -12.16
C5 OHN G . 15.46 3.71 -11.39
C4 OHN G . 16.74 4.55 -11.49
C2 OHN G . 17.34 2.37 -11.77
O6 OHN G . 17.96 1.32 -11.66
OAP OHN G . 17.84 3.59 -11.52
C21 OHN H . -9.51 -3.59 26.59
C20 OHN H . -10.64 -3.13 27.52
C19 OHN H . -11.42 -1.96 26.93
C18 OHN H . -12.46 -1.38 27.89
C17 OHN H . -13.79 -2.16 27.85
C16 OHN H . -14.52 -1.93 26.52
C15 OHN H . -15.67 -2.91 26.34
C14 OHN H . -16.11 -2.93 24.89
C13 OHN H . -15.03 -3.57 24.01
C11 OHN H . -15.56 -4.06 22.68
O12 OHN H . -16.71 -3.86 22.32
C10 OHN H . -14.60 -4.84 21.77
C8 OHN H . -15.22 -5.00 20.38
O9 OHN H . -15.19 -4.08 19.56
N7 OHN H . -15.80 -6.17 20.14
C1 OHN H . -16.44 -6.45 18.85
C5 OHN H . -16.02 -7.81 18.30
C4 OHN H . -17.27 -8.16 17.51
C2 OHN H . -17.94 -6.66 19.04
O6 OHN H . -18.63 -5.98 19.80
OAP OHN H . -18.39 -7.66 18.28
#